data_3HQD
#
_entry.id   3HQD
#
_cell.length_a   60.500
_cell.length_b   71.435
_cell.length_c   94.846
_cell.angle_alpha   90.00
_cell.angle_beta   98.86
_cell.angle_gamma   90.00
#
_symmetry.space_group_name_H-M   'P 1 21 1'
#
loop_
_entity.id
_entity.type
_entity.pdbx_description
1 polymer 'Kinesin-like protein KIF11'
2 non-polymer 'PHOSPHOAMINOPHOSPHONIC ACID-ADENYLATE ESTER'
3 non-polymer 'PHOSPHATE ION'
4 non-polymer 'MAGNESIUM ION'
5 water water
#
_entity_poly.entity_id   1
_entity_poly.type   'polypeptide(L)'
_entity_poly.pdbx_seq_one_letter_code
;MASQPNSSAKKKEEKGKNIQVVVRCRPFNLAERKASAHSIVECDPVRKEVSVRTGGLADKSSRKTYTFDMVFGASTKQID
VYRSVVCPILDEVIMGYNCTIFAYGQTGTGKTFTMEGERSPNEEYTWEEDPLAGIIPRTLHQIFEKLTDNGTEFSVKVSL
LEIYNEELFDLLNPSSDVSERLQMFDDPRNKRGVIIKGLEEITVHNKDEVYQILEKGAAKRTTAATLMNAYSSRSHSVFS
VTIHMKETTIDGEELVKIGKLNLVDLAGSENIGRSGAVDKRAREAGNINQSLLTLGRVITALVERTPHVPYRESKLTRIL
QDSLGGRTRTSIIATISPASLNLEETLSTLEYAHRAKNILNKPEVNQKL
;
_entity_poly.pdbx_strand_id   A,B
#
# COMPACT_ATOMS: atom_id res chain seq x y z
N LYS A 17 28.54 -1.39 21.79
CA LYS A 17 29.29 -0.13 21.51
C LYS A 17 28.49 0.86 20.65
N ASN A 18 28.36 0.58 19.35
CA ASN A 18 27.61 1.46 18.46
C ASN A 18 26.14 1.49 18.88
N ILE A 19 25.58 2.69 18.96
CA ILE A 19 24.19 2.83 19.32
C ILE A 19 23.31 2.16 18.27
N GLN A 20 22.33 1.40 18.74
CA GLN A 20 21.42 0.71 17.84
C GLN A 20 20.28 1.66 17.47
N VAL A 21 20.02 1.80 16.17
CA VAL A 21 18.95 2.66 15.72
C VAL A 21 18.01 1.90 14.78
N VAL A 22 16.72 1.92 15.14
CA VAL A 22 15.70 1.25 14.35
C VAL A 22 14.63 2.28 14.01
N VAL A 23 13.91 2.02 12.93
CA VAL A 23 12.86 2.92 12.49
C VAL A 23 11.54 2.18 12.46
N ARG A 24 10.48 2.85 12.92
CA ARG A 24 9.16 2.27 12.90
C ARG A 24 8.18 3.22 12.22
N CYS A 25 7.61 2.76 11.10
CA CYS A 25 6.63 3.57 10.38
C CYS A 25 5.24 3.09 10.83
N ARG A 26 4.41 4.02 11.31
CA ARG A 26 3.06 3.68 11.76
C ARG A 26 2.13 3.69 10.55
N PRO A 27 0.90 3.18 10.72
CA PRO A 27 -0.08 3.15 9.62
C PRO A 27 -0.56 4.56 9.35
N PHE A 28 -1.17 4.80 8.19
CA PHE A 28 -1.72 6.12 7.89
C PHE A 28 -2.82 6.29 8.94
N ASN A 29 -3.07 7.53 9.35
CA ASN A 29 -4.14 7.74 10.31
C ASN A 29 -5.30 8.36 9.51
N LEU A 30 -6.46 8.50 10.14
CA LEU A 30 -7.63 9.05 9.47
C LEU A 30 -7.42 10.41 8.80
N ALA A 31 -6.90 11.36 9.56
CA ALA A 31 -6.67 12.69 9.05
C ALA A 31 -5.84 12.71 7.77
N GLU A 32 -4.87 11.80 7.67
CA GLU A 32 -4.01 11.74 6.50
C GLU A 32 -4.76 11.21 5.28
N ARG A 33 -5.60 10.20 5.51
CA ARG A 33 -6.39 9.61 4.43
C ARG A 33 -7.40 10.64 3.93
N LYS A 34 -8.14 11.24 4.86
CA LYS A 34 -9.14 12.24 4.48
C LYS A 34 -8.53 13.43 3.75
N ALA A 35 -7.22 13.64 3.92
CA ALA A 35 -6.56 14.76 3.24
C ALA A 35 -5.96 14.25 1.95
N SER A 36 -6.33 13.05 1.55
CA SER A 36 -5.82 12.46 0.31
C SER A 36 -4.30 12.53 0.23
N ALA A 37 -3.64 12.36 1.36
CA ALA A 37 -2.18 12.36 1.37
C ALA A 37 -1.81 11.01 0.77
N HIS A 38 -0.66 10.94 0.12
CA HIS A 38 -0.24 9.66 -0.46
C HIS A 38 1.00 9.16 0.25
N SER A 39 1.35 7.89 0.03
CA SER A 39 2.50 7.29 0.69
C SER A 39 3.84 7.65 0.02
N ILE A 40 4.79 8.10 0.83
CA ILE A 40 6.11 8.44 0.30
C ILE A 40 7.18 7.63 1.02
N VAL A 41 6.73 6.65 1.80
CA VAL A 41 7.62 5.81 2.58
C VAL A 41 7.50 4.33 2.27
N GLU A 42 8.63 3.69 2.06
CA GLU A 42 8.71 2.27 1.79
C GLU A 42 9.71 1.67 2.78
N CYS A 43 9.28 0.67 3.53
CA CYS A 43 10.15 0.03 4.49
C CYS A 43 10.51 -1.36 3.99
N ASP A 44 11.78 -1.71 4.12
CA ASP A 44 12.25 -3.02 3.71
C ASP A 44 13.01 -3.62 4.87
N PRO A 45 12.32 -4.34 5.76
CA PRO A 45 12.97 -4.96 6.92
C PRO A 45 14.09 -5.90 6.50
N VAL A 46 13.84 -6.67 5.45
CA VAL A 46 14.84 -7.61 4.94
C VAL A 46 16.16 -6.89 4.71
N ARG A 47 16.15 -5.88 3.85
CA ARG A 47 17.36 -5.12 3.56
C ARG A 47 17.64 -4.11 4.67
N LYS A 48 16.70 -3.94 5.59
CA LYS A 48 16.84 -3.00 6.70
C LYS A 48 16.93 -1.58 6.15
N GLU A 49 16.07 -1.28 5.17
CA GLU A 49 16.06 0.03 4.55
C GLU A 49 14.71 0.74 4.63
N VAL A 50 14.79 2.07 4.60
CA VAL A 50 13.62 2.92 4.60
C VAL A 50 13.90 3.86 3.43
N SER A 51 13.00 3.93 2.46
CA SER A 51 13.19 4.82 1.33
C SER A 51 12.08 5.85 1.33
N VAL A 52 12.44 7.09 1.05
CA VAL A 52 11.46 8.16 1.03
C VAL A 52 11.43 8.86 -0.33
N ARG A 53 10.24 8.92 -0.92
CA ARG A 53 10.07 9.59 -2.20
C ARG A 53 10.14 11.08 -1.88
N THR A 54 11.15 11.75 -2.44
CA THR A 54 11.40 13.16 -2.17
C THR A 54 10.96 14.09 -3.29
N GLY A 55 10.65 13.49 -4.43
CA GLY A 55 10.20 14.18 -5.64
C GLY A 55 9.06 15.22 -5.70
N GLY A 56 7.94 14.99 -5.02
CA GLY A 56 6.83 15.93 -5.09
C GLY A 56 5.75 15.36 -6.03
N LEU A 57 4.71 16.16 -6.31
CA LEU A 57 3.66 15.69 -7.20
C LEU A 57 4.31 15.57 -8.56
N ALA A 58 5.39 16.33 -8.76
CA ALA A 58 6.12 16.32 -10.02
C ALA A 58 6.90 15.02 -10.13
N ASP A 59 7.99 14.91 -9.38
CA ASP A 59 8.80 13.70 -9.40
C ASP A 59 8.17 12.63 -8.51
N LYS A 60 7.97 11.44 -9.05
CA LYS A 60 7.38 10.35 -8.29
C LYS A 60 8.29 9.14 -8.29
N SER A 61 9.57 9.38 -8.56
CA SER A 61 10.56 8.30 -8.61
C SER A 61 11.72 8.51 -7.66
N SER A 62 12.27 9.72 -7.66
CA SER A 62 13.40 10.05 -6.79
C SER A 62 13.16 9.60 -5.36
N ARG A 63 14.07 8.81 -4.81
CA ARG A 63 13.95 8.33 -3.45
C ARG A 63 15.21 8.62 -2.65
N LYS A 64 15.05 8.69 -1.33
CA LYS A 64 16.13 8.91 -0.39
C LYS A 64 16.10 7.63 0.43
N THR A 65 17.19 6.87 0.42
CA THR A 65 17.21 5.63 1.15
C THR A 65 18.21 5.57 2.29
N TYR A 66 17.73 5.17 3.47
CA TYR A 66 18.61 5.06 4.63
C TYR A 66 18.67 3.62 5.06
N THR A 67 19.80 3.24 5.64
CA THR A 67 19.97 1.89 6.13
C THR A 67 20.10 1.96 7.64
N PHE A 68 19.33 1.15 8.35
CA PHE A 68 19.37 1.14 9.79
C PHE A 68 19.63 -0.28 10.30
N ASP A 69 19.64 -0.45 11.61
CA ASP A 69 19.88 -1.75 12.22
C ASP A 69 18.64 -2.62 12.08
N MET A 70 17.47 -2.00 12.13
CA MET A 70 16.20 -2.72 11.98
C MET A 70 15.17 -1.75 11.44
N VAL A 71 14.27 -2.24 10.61
CA VAL A 71 13.22 -1.40 10.05
C VAL A 71 11.85 -2.07 10.16
N PHE A 72 10.92 -1.37 10.82
CA PHE A 72 9.57 -1.87 11.03
C PHE A 72 8.54 -1.12 10.19
N GLY A 73 7.79 -1.86 9.40
CA GLY A 73 6.78 -1.25 8.55
C GLY A 73 5.47 -1.03 9.28
N ALA A 74 4.52 -0.42 8.59
CA ALA A 74 3.20 -0.11 9.15
C ALA A 74 2.47 -1.30 9.78
N SER A 75 2.78 -2.50 9.31
CA SER A 75 2.12 -3.68 9.84
C SER A 75 2.77 -4.20 11.12
N THR A 76 3.86 -3.57 11.54
CA THR A 76 4.58 -4.01 12.74
C THR A 76 3.69 -4.00 13.98
N LYS A 77 3.66 -5.12 14.68
CA LYS A 77 2.88 -5.23 15.90
C LYS A 77 3.75 -4.91 17.10
N GLN A 78 3.12 -4.50 18.20
CA GLN A 78 3.85 -4.16 19.42
C GLN A 78 4.82 -5.27 19.79
N ILE A 79 4.27 -6.49 19.92
CA ILE A 79 5.06 -7.66 20.29
C ILE A 79 6.31 -7.84 19.41
N ASP A 80 6.20 -7.47 18.13
CA ASP A 80 7.33 -7.59 17.22
C ASP A 80 8.46 -6.64 17.62
N VAL A 81 8.10 -5.41 17.96
CA VAL A 81 9.07 -4.40 18.37
C VAL A 81 9.77 -4.85 19.65
N TYR A 82 8.98 -5.39 20.56
CA TYR A 82 9.49 -5.85 21.84
C TYR A 82 10.45 -7.03 21.70
N ARG A 83 10.00 -8.09 21.01
CA ARG A 83 10.83 -9.27 20.84
C ARG A 83 12.14 -8.95 20.14
N SER A 84 12.07 -8.07 19.13
CA SER A 84 13.25 -7.71 18.36
C SER A 84 14.17 -6.72 19.05
N VAL A 85 13.60 -5.70 19.68
CA VAL A 85 14.37 -4.65 20.31
C VAL A 85 14.60 -4.75 21.83
N VAL A 86 13.52 -4.88 22.59
CA VAL A 86 13.60 -4.91 24.04
C VAL A 86 14.17 -6.15 24.71
N CYS A 87 13.72 -7.33 24.29
CA CYS A 87 14.20 -8.56 24.90
C CYS A 87 15.70 -8.65 25.06
N PRO A 88 16.47 -8.30 24.01
CA PRO A 88 17.94 -8.36 24.08
C PRO A 88 18.49 -7.31 25.04
N ILE A 89 17.78 -6.19 25.15
CA ILE A 89 18.17 -5.09 26.03
C ILE A 89 17.98 -5.54 27.48
N LEU A 90 16.82 -6.15 27.73
CA LEU A 90 16.46 -6.61 29.05
C LEU A 90 17.52 -7.54 29.65
N ASP A 91 18.02 -8.46 28.84
CA ASP A 91 19.04 -9.39 29.32
C ASP A 91 20.32 -8.67 29.67
N GLU A 92 20.63 -7.61 28.93
CA GLU A 92 21.83 -6.84 29.19
C GLU A 92 21.74 -6.13 30.53
N VAL A 93 20.52 -5.69 30.85
CA VAL A 93 20.27 -5.02 32.13
C VAL A 93 20.52 -6.05 33.23
N ILE A 94 20.02 -7.27 33.04
CA ILE A 94 20.19 -8.33 34.02
C ILE A 94 21.68 -8.62 34.20
N MET A 95 22.46 -8.33 33.16
CA MET A 95 23.90 -8.56 33.20
C MET A 95 24.62 -7.50 34.03
N GLY A 96 23.92 -6.41 34.34
CA GLY A 96 24.53 -5.35 35.11
C GLY A 96 24.95 -4.15 34.27
N TYR A 97 24.43 -4.06 33.06
CA TYR A 97 24.76 -2.93 32.19
C TYR A 97 23.72 -1.84 32.42
N ASN A 98 24.05 -0.62 32.02
CA ASN A 98 23.10 0.48 32.11
C ASN A 98 22.59 0.58 30.70
N CYS A 99 21.28 0.51 30.52
CA CYS A 99 20.70 0.57 29.18
C CYS A 99 19.64 1.63 29.03
N THR A 100 19.53 2.13 27.80
CA THR A 100 18.56 3.16 27.50
C THR A 100 17.90 2.94 26.15
N ILE A 101 16.60 3.15 26.12
CA ILE A 101 15.84 3.03 24.88
C ILE A 101 14.98 4.28 24.82
N PHE A 102 15.09 5.06 23.76
CA PHE A 102 14.23 6.22 23.64
C PHE A 102 13.60 6.34 22.27
N ALA A 103 12.33 6.76 22.26
CA ALA A 103 11.57 6.91 21.03
C ALA A 103 11.73 8.36 20.58
N TYR A 104 12.03 8.55 19.29
CA TYR A 104 12.29 9.88 18.73
C TYR A 104 11.59 10.09 17.40
N GLY A 105 10.92 11.24 17.25
CA GLY A 105 10.22 11.52 16.02
C GLY A 105 9.17 12.61 16.08
N GLN A 106 8.70 13.02 14.89
CA GLN A 106 7.68 14.06 14.75
C GLN A 106 6.46 13.75 15.60
N THR A 107 5.81 14.81 16.10
CA THR A 107 4.62 14.66 16.90
C THR A 107 3.61 13.79 16.13
N GLY A 108 2.97 12.86 16.83
CA GLY A 108 1.96 12.01 16.22
C GLY A 108 2.42 10.78 15.46
N THR A 109 3.71 10.50 15.46
CA THR A 109 4.18 9.35 14.70
C THR A 109 4.28 8.02 15.43
N GLY A 110 3.96 8.00 16.73
CA GLY A 110 4.01 6.73 17.45
C GLY A 110 4.96 6.52 18.61
N LYS A 111 5.57 7.58 19.13
CA LYS A 111 6.52 7.45 20.25
C LYS A 111 5.87 6.90 21.51
N THR A 112 4.75 7.50 21.89
CA THR A 112 4.03 7.10 23.08
C THR A 112 3.35 5.76 22.83
N PHE A 113 2.80 5.57 21.65
CA PHE A 113 2.16 4.32 21.32
C PHE A 113 3.19 3.21 21.46
N THR A 114 4.42 3.48 21.02
CA THR A 114 5.49 2.49 21.09
C THR A 114 6.02 2.24 22.51
N MET A 115 6.24 3.31 23.26
CA MET A 115 6.78 3.19 24.62
C MET A 115 5.78 2.72 25.67
N GLU A 116 4.55 3.24 25.62
CA GLU A 116 3.53 2.86 26.59
C GLU A 116 2.47 1.96 25.98
N GLY A 117 2.02 2.31 24.78
CA GLY A 117 1.01 1.52 24.11
C GLY A 117 -0.35 1.85 24.66
N GLU A 118 -1.35 1.05 24.31
CA GLU A 118 -2.70 1.27 24.77
C GLU A 118 -3.30 -0.05 25.23
N ARG A 119 -4.59 -0.03 25.55
CA ARG A 119 -5.28 -1.24 26.02
C ARG A 119 -6.40 -1.65 25.08
N SER A 120 -6.45 -2.94 24.73
CA SER A 120 -7.48 -3.45 23.85
C SER A 120 -8.82 -3.38 24.56
N PRO A 121 -9.91 -3.24 23.78
CA PRO A 121 -11.29 -3.15 24.30
C PRO A 121 -11.80 -4.34 25.10
N ASN A 122 -12.78 -4.07 25.94
CA ASN A 122 -13.45 -5.08 26.75
C ASN A 122 -12.58 -6.04 27.59
N GLU A 123 -11.46 -5.54 28.09
CA GLU A 123 -10.56 -6.34 28.92
C GLU A 123 -10.31 -7.73 28.34
N GLU A 124 -10.28 -7.82 27.02
CA GLU A 124 -10.02 -9.08 26.36
C GLU A 124 -8.63 -9.60 26.70
N TYR A 125 -7.81 -8.75 27.29
CA TYR A 125 -6.45 -9.14 27.67
C TYR A 125 -5.98 -8.46 28.94
N THR A 126 -4.99 -9.08 29.60
CA THR A 126 -4.40 -8.48 30.79
C THR A 126 -3.32 -7.60 30.17
N TRP A 127 -2.86 -6.59 30.91
CA TRP A 127 -1.87 -5.67 30.37
C TRP A 127 -0.72 -6.31 29.59
N GLU A 128 -0.06 -7.30 30.18
CA GLU A 128 1.08 -7.97 29.53
C GLU A 128 0.68 -8.72 28.27
N GLU A 129 -0.52 -9.29 28.29
CA GLU A 129 -1.01 -10.07 27.17
C GLU A 129 -1.51 -9.20 26.02
N ASP A 130 -1.91 -7.97 26.32
CA ASP A 130 -2.44 -7.06 25.31
C ASP A 130 -1.56 -6.79 24.10
N PRO A 131 -2.12 -6.97 22.90
CA PRO A 131 -1.37 -6.74 21.66
C PRO A 131 -1.10 -5.25 21.44
N LEU A 132 -1.81 -4.41 22.17
CA LEU A 132 -1.64 -2.97 22.04
C LEU A 132 -0.65 -2.42 23.07
N ALA A 133 -0.24 -3.28 24.00
CA ALA A 133 0.70 -2.90 25.05
C ALA A 133 2.02 -2.43 24.47
N GLY A 134 2.60 -1.39 25.08
CA GLY A 134 3.87 -0.85 24.63
C GLY A 134 5.07 -1.53 25.26
N ILE A 135 6.24 -0.95 25.05
CA ILE A 135 7.49 -1.49 25.57
C ILE A 135 7.60 -1.53 27.09
N ILE A 136 7.16 -0.46 27.75
CA ILE A 136 7.24 -0.38 29.20
C ILE A 136 6.38 -1.43 29.94
N PRO A 137 5.06 -1.49 29.64
CA PRO A 137 4.29 -2.51 30.35
C PRO A 137 4.85 -3.93 30.18
N ARG A 138 5.33 -4.25 28.98
CA ARG A 138 5.90 -5.57 28.72
C ARG A 138 7.19 -5.79 29.49
N THR A 139 8.04 -4.77 29.53
CA THR A 139 9.31 -4.90 30.21
C THR A 139 9.18 -5.13 31.72
N LEU A 140 8.24 -4.45 32.36
CA LEU A 140 8.07 -4.62 33.80
C LEU A 140 7.64 -6.06 34.10
N HIS A 141 6.85 -6.63 33.19
CA HIS A 141 6.38 -8.00 33.32
C HIS A 141 7.55 -8.96 33.16
N GLN A 142 8.27 -8.79 32.06
CA GLN A 142 9.43 -9.60 31.71
C GLN A 142 10.56 -9.53 32.72
N ILE A 143 10.81 -8.34 33.25
CA ILE A 143 11.87 -8.13 34.23
C ILE A 143 11.79 -9.14 35.38
N PHE A 144 10.60 -9.28 35.95
CA PHE A 144 10.40 -10.21 37.06
C PHE A 144 10.53 -11.66 36.61
N GLU A 145 9.96 -11.96 35.44
CA GLU A 145 10.04 -13.31 34.90
C GLU A 145 11.51 -13.76 34.85
N LYS A 146 12.32 -12.97 34.16
CA LYS A 146 13.73 -13.28 34.00
C LYS A 146 14.50 -13.29 35.32
N LEU A 147 14.17 -12.37 36.21
CA LEU A 147 14.88 -12.31 37.49
C LEU A 147 14.57 -13.54 38.34
N THR A 148 13.30 -13.94 38.37
CA THR A 148 12.91 -15.12 39.15
C THR A 148 13.54 -16.35 38.51
N ASP A 149 13.54 -16.39 37.19
CA ASP A 149 14.15 -17.51 36.48
C ASP A 149 15.66 -17.55 36.73
N ASN A 150 16.28 -16.37 36.91
CA ASN A 150 17.71 -16.31 37.13
C ASN A 150 18.14 -16.89 38.47
N GLY A 151 17.39 -16.57 39.53
CA GLY A 151 17.71 -17.10 40.84
C GLY A 151 18.43 -16.15 41.77
N THR A 152 18.97 -15.08 41.21
CA THR A 152 19.70 -14.10 42.01
C THR A 152 18.80 -13.48 43.07
N GLU A 153 19.43 -12.86 44.06
CA GLU A 153 18.69 -12.18 45.11
C GLU A 153 18.55 -10.79 44.50
N PHE A 154 17.31 -10.35 44.30
CA PHE A 154 17.11 -9.07 43.66
C PHE A 154 16.12 -8.11 44.28
N SER A 155 16.33 -6.85 43.97
CA SER A 155 15.48 -5.76 44.42
C SER A 155 15.20 -4.91 43.20
N VAL A 156 13.94 -4.51 43.01
CA VAL A 156 13.59 -3.68 41.86
C VAL A 156 13.05 -2.34 42.32
N LYS A 157 13.59 -1.28 41.72
CA LYS A 157 13.21 0.08 42.07
C LYS A 157 12.84 0.86 40.79
N VAL A 158 11.73 1.60 40.83
CA VAL A 158 11.31 2.35 39.66
C VAL A 158 11.10 3.84 39.95
N SER A 159 11.20 4.65 38.90
CA SER A 159 10.98 6.09 39.01
C SER A 159 10.45 6.59 37.68
N LEU A 160 9.64 7.64 37.73
CA LEU A 160 9.09 8.22 36.53
C LEU A 160 9.04 9.72 36.70
N LEU A 161 9.64 10.43 35.75
CA LEU A 161 9.64 11.88 35.79
C LEU A 161 9.40 12.38 34.38
N GLU A 162 9.02 13.64 34.27
CA GLU A 162 8.80 14.20 32.97
C GLU A 162 9.58 15.49 32.96
N ILE A 163 10.10 15.82 31.79
CA ILE A 163 10.85 17.04 31.62
C ILE A 163 9.89 17.94 30.87
N TYR A 164 9.34 18.91 31.60
CA TYR A 164 8.38 19.86 31.08
C TYR A 164 8.98 21.27 31.07
N ASN A 165 9.16 21.81 29.88
CA ASN A 165 9.72 23.14 29.76
C ASN A 165 11.00 23.29 30.59
N GLU A 166 11.93 22.38 30.36
CA GLU A 166 13.21 22.39 31.07
C GLU A 166 13.14 22.33 32.60
N GLU A 167 12.08 21.74 33.12
CA GLU A 167 11.95 21.55 34.57
C GLU A 167 11.61 20.07 34.77
N LEU A 168 12.00 19.54 35.93
CA LEU A 168 11.74 18.14 36.22
C LEU A 168 10.63 17.95 37.25
N PHE A 169 9.68 17.08 36.95
CA PHE A 169 8.59 16.81 37.89
C PHE A 169 8.40 15.32 38.08
N ASP A 170 8.39 14.90 39.34
CA ASP A 170 8.20 13.49 39.71
C ASP A 170 6.75 13.12 39.40
N LEU A 171 6.54 12.02 38.70
CA LEU A 171 5.18 11.60 38.36
C LEU A 171 4.64 10.52 39.28
N LEU A 172 5.50 9.98 40.14
CA LEU A 172 5.08 8.92 41.04
C LEU A 172 4.92 9.36 42.49
N ASN A 173 5.28 10.60 42.80
CA ASN A 173 5.12 11.08 44.16
C ASN A 173 3.63 11.03 44.44
N PRO A 174 3.21 10.27 45.47
CA PRO A 174 1.80 10.16 45.80
C PRO A 174 1.24 11.32 46.62
N SER A 175 2.12 12.19 47.12
CA SER A 175 1.68 13.33 47.91
C SER A 175 0.60 14.10 47.17
N SER A 176 -0.21 14.84 47.93
CA SER A 176 -1.29 15.63 47.38
C SER A 176 -0.83 17.04 46.99
N ASP A 177 0.31 17.46 47.52
CA ASP A 177 0.83 18.78 47.23
C ASP A 177 1.18 18.95 45.76
N VAL A 178 1.15 20.18 45.28
CA VAL A 178 1.50 20.42 43.89
C VAL A 178 2.97 20.00 43.78
N SER A 179 3.36 19.48 42.62
CA SER A 179 4.73 19.02 42.43
C SER A 179 5.73 20.17 42.30
N GLU A 180 6.88 20.01 42.94
CA GLU A 180 7.92 21.03 42.90
C GLU A 180 8.98 20.68 41.84
N ARG A 181 9.67 21.70 41.35
CA ARG A 181 10.71 21.48 40.35
C ARG A 181 11.87 20.76 41.02
N LEU A 182 12.21 19.58 40.54
CA LEU A 182 13.30 18.82 41.13
C LEU A 182 14.62 19.37 40.63
N GLN A 183 15.61 19.41 41.51
CA GLN A 183 16.92 19.92 41.14
C GLN A 183 17.80 18.76 40.74
N MET A 184 18.68 18.99 39.78
CA MET A 184 19.56 17.94 39.30
C MET A 184 21.02 18.24 39.62
N PHE A 185 21.75 17.22 40.07
CA PHE A 185 23.17 17.35 40.41
C PHE A 185 23.98 16.18 39.85
N ASP A 186 25.28 16.40 39.62
CA ASP A 186 26.13 15.32 39.12
C ASP A 186 26.22 14.28 40.23
N ASP A 187 26.33 13.01 39.88
CA ASP A 187 26.41 11.98 40.91
C ASP A 187 27.78 12.00 41.59
N PRO A 188 27.82 12.28 42.89
CA PRO A 188 29.07 12.33 43.64
C PRO A 188 29.90 11.05 43.47
N ARG A 189 29.26 9.90 43.73
CA ARG A 189 29.92 8.61 43.62
C ARG A 189 29.86 8.04 42.20
N ASN A 190 29.85 8.92 41.19
CA ASN A 190 29.79 8.49 39.81
C ASN A 190 29.77 9.64 38.81
N LYS A 191 30.94 10.00 38.30
CA LYS A 191 31.04 11.11 37.35
C LYS A 191 30.33 10.82 36.03
N ARG A 192 29.67 9.67 35.95
CA ARG A 192 28.95 9.33 34.72
C ARG A 192 27.46 9.18 35.02
N GLY A 193 26.85 10.28 35.44
CA GLY A 193 25.44 10.25 35.75
C GLY A 193 25.00 11.47 36.52
N VAL A 194 23.71 11.53 36.82
CA VAL A 194 23.16 12.64 37.57
C VAL A 194 22.30 12.11 38.69
N ILE A 195 21.95 13.01 39.61
CA ILE A 195 21.11 12.68 40.74
C ILE A 195 19.97 13.69 40.74
N ILE A 196 18.75 13.17 40.77
CA ILE A 196 17.57 14.02 40.80
C ILE A 196 17.15 13.99 42.27
N LYS A 197 17.45 15.08 42.97
CA LYS A 197 17.12 15.17 44.39
C LYS A 197 15.61 15.21 44.66
N GLY A 198 15.14 14.35 45.54
CA GLY A 198 13.72 14.35 45.87
C GLY A 198 12.90 13.40 45.02
N LEU A 199 13.50 12.90 43.94
CA LEU A 199 12.80 11.99 43.07
C LEU A 199 12.46 10.70 43.81
N GLU A 200 11.20 10.28 43.68
CA GLU A 200 10.73 9.06 44.31
C GLU A 200 11.25 7.83 43.57
N GLU A 201 11.83 6.90 44.33
CA GLU A 201 12.30 5.64 43.75
C GLU A 201 11.58 4.57 44.55
N ILE A 202 10.47 4.09 43.98
CA ILE A 202 9.64 3.10 44.63
C ILE A 202 10.05 1.66 44.42
N THR A 203 10.31 0.98 45.52
CA THR A 203 10.66 -0.45 45.49
C THR A 203 9.39 -1.18 45.05
N VAL A 204 9.52 -2.08 44.08
CA VAL A 204 8.37 -2.84 43.63
C VAL A 204 8.73 -4.31 43.68
N HIS A 205 7.77 -5.16 44.09
CA HIS A 205 8.05 -6.59 44.21
C HIS A 205 7.51 -7.52 43.14
N ASN A 206 6.64 -7.00 42.27
CA ASN A 206 6.07 -7.82 41.20
C ASN A 206 5.38 -6.93 40.18
N LYS A 207 4.95 -7.50 39.06
CA LYS A 207 4.31 -6.69 38.04
C LYS A 207 3.06 -5.97 38.51
N ASP A 208 2.26 -6.62 39.34
CA ASP A 208 1.03 -5.99 39.82
C ASP A 208 1.33 -4.69 40.57
N GLU A 209 2.33 -4.73 41.45
CA GLU A 209 2.72 -3.55 42.19
C GLU A 209 3.19 -2.47 41.23
N VAL A 210 3.99 -2.88 40.25
CA VAL A 210 4.51 -1.91 39.29
C VAL A 210 3.41 -1.37 38.41
N TYR A 211 2.52 -2.24 37.93
CA TYR A 211 1.44 -1.80 37.07
C TYR A 211 0.54 -0.74 37.69
N GLN A 212 0.24 -0.88 38.98
CA GLN A 212 -0.63 0.10 39.63
C GLN A 212 0.05 1.46 39.63
N ILE A 213 1.33 1.48 39.97
CA ILE A 213 2.15 2.68 40.01
C ILE A 213 2.31 3.29 38.62
N LEU A 214 2.63 2.43 37.65
CA LEU A 214 2.84 2.86 36.27
C LEU A 214 1.64 3.54 35.58
N GLU A 215 0.46 2.94 35.68
CA GLU A 215 -0.70 3.54 35.01
C GLU A 215 -1.08 4.87 35.62
N LYS A 216 -0.89 5.04 36.93
CA LYS A 216 -1.21 6.31 37.55
C LYS A 216 -0.15 7.33 37.14
N GLY A 217 1.09 6.86 37.03
CA GLY A 217 2.17 7.74 36.65
C GLY A 217 2.06 8.23 35.21
N ALA A 218 1.87 7.29 34.28
CA ALA A 218 1.77 7.64 32.86
C ALA A 218 0.52 8.48 32.61
N ALA A 219 -0.52 8.26 33.42
CA ALA A 219 -1.76 8.98 33.28
C ALA A 219 -1.58 10.47 33.54
N LYS A 220 -0.70 10.83 34.48
CA LYS A 220 -0.52 12.26 34.75
C LYS A 220 0.56 12.94 33.93
N ARG A 221 1.26 12.17 33.09
CA ARG A 221 2.30 12.72 32.22
C ARG A 221 1.57 13.77 31.38
N THR A 222 2.04 15.01 31.40
CA THR A 222 1.37 16.09 30.68
C THR A 222 1.08 15.75 29.22
N THR A 223 -0.20 15.71 28.89
CA THR A 223 -0.64 15.42 27.55
C THR A 223 -1.71 16.45 27.21
N ALA A 224 -1.67 16.99 26.00
CA ALA A 224 -2.64 18.00 25.61
C ALA A 224 -2.94 17.87 24.14
N ALA A 225 -4.02 18.50 23.71
CA ALA A 225 -4.41 18.40 22.32
C ALA A 225 -3.81 19.47 21.43
N THR A 226 -3.41 19.05 20.23
CA THR A 226 -2.92 19.97 19.20
C THR A 226 -3.50 19.41 17.90
N LEU A 227 -3.61 20.24 16.87
CA LEU A 227 -4.17 19.82 15.59
C LEU A 227 -3.44 18.63 14.97
N MET A 228 -2.18 18.43 15.37
CA MET A 228 -1.40 17.31 14.86
C MET A 228 -1.64 16.05 15.69
N ASN A 229 -1.88 16.21 16.99
CA ASN A 229 -2.11 15.06 17.86
C ASN A 229 -3.00 15.44 19.02
N ALA A 230 -4.18 14.83 19.07
CA ALA A 230 -5.12 15.10 20.15
C ALA A 230 -4.55 14.63 21.49
N TYR A 231 -3.59 13.72 21.44
CA TYR A 231 -2.99 13.17 22.66
C TYR A 231 -1.47 13.39 22.69
N SER A 232 -1.05 14.61 22.37
CA SER A 232 0.37 14.95 22.29
C SER A 232 1.08 15.05 23.64
N SER A 233 2.26 14.45 23.71
CA SER A 233 3.06 14.52 24.93
C SER A 233 3.67 15.91 24.98
N ARG A 234 3.45 16.60 26.09
CA ARG A 234 3.95 17.95 26.28
C ARG A 234 5.25 17.97 27.09
N SER A 235 5.85 16.80 27.24
CA SER A 235 7.09 16.67 27.98
C SER A 235 7.81 15.39 27.57
N HIS A 236 9.06 15.26 27.99
CA HIS A 236 9.84 14.06 27.71
C HIS A 236 9.64 13.19 28.95
N SER A 237 9.23 11.95 28.74
CA SER A 237 9.00 11.03 29.85
C SER A 237 10.21 10.15 30.04
N VAL A 238 10.65 10.01 31.30
CA VAL A 238 11.80 9.18 31.61
C VAL A 238 11.47 8.18 32.73
N PHE A 239 11.31 6.93 32.34
CA PHE A 239 10.98 5.87 33.27
C PHE A 239 12.22 5.00 33.53
N SER A 240 12.70 5.00 34.77
CA SER A 240 13.89 4.23 35.09
C SER A 240 13.68 3.10 36.07
N VAL A 241 14.21 1.93 35.71
CA VAL A 241 14.12 0.73 36.53
C VAL A 241 15.52 0.34 36.95
N THR A 242 15.77 0.35 38.25
CA THR A 242 17.08 0.01 38.78
C THR A 242 16.99 -1.35 39.45
N ILE A 243 17.87 -2.27 39.07
CA ILE A 243 17.84 -3.60 39.65
C ILE A 243 19.12 -3.97 40.37
N HIS A 244 19.00 -4.17 41.68
CA HIS A 244 20.13 -4.57 42.51
C HIS A 244 20.14 -6.09 42.54
N MET A 245 21.25 -6.69 42.12
CA MET A 245 21.35 -8.13 42.10
C MET A 245 22.56 -8.64 42.89
N LYS A 246 22.34 -9.66 43.70
CA LYS A 246 23.41 -10.26 44.51
C LYS A 246 23.27 -11.77 44.47
N GLU A 247 24.31 -12.45 44.00
CA GLU A 247 24.28 -13.90 43.92
C GLU A 247 25.57 -14.51 44.46
N THR A 248 25.53 -15.80 44.77
CA THR A 248 26.70 -16.50 45.26
C THR A 248 26.99 -17.65 44.31
N THR A 249 28.16 -17.64 43.70
CA THR A 249 28.55 -18.68 42.75
C THR A 249 28.89 -20.00 43.44
N ILE A 250 29.04 -21.04 42.64
CA ILE A 250 29.35 -22.36 43.16
C ILE A 250 30.72 -22.34 43.84
N ASP A 251 31.45 -21.26 43.61
CA ASP A 251 32.78 -21.08 44.18
C ASP A 251 32.74 -20.25 45.46
N GLY A 252 31.55 -20.09 46.02
CA GLY A 252 31.41 -19.31 47.24
C GLY A 252 31.72 -17.84 47.03
N GLU A 253 31.85 -17.44 45.77
CA GLU A 253 32.12 -16.04 45.47
C GLU A 253 30.80 -15.28 45.38
N GLU A 254 30.67 -14.21 46.14
CA GLU A 254 29.44 -13.42 46.14
C GLU A 254 29.63 -12.20 45.24
N LEU A 255 28.86 -12.14 44.16
CA LEU A 255 28.98 -11.01 43.25
C LEU A 255 27.75 -10.12 43.25
N VAL A 256 27.99 -8.83 43.34
CA VAL A 256 26.94 -7.82 43.38
C VAL A 256 27.00 -6.94 42.16
N LYS A 257 25.91 -6.95 41.38
CA LYS A 257 25.86 -6.10 40.20
C LYS A 257 24.58 -5.31 40.20
N ILE A 258 24.60 -4.18 39.51
CA ILE A 258 23.45 -3.31 39.43
C ILE A 258 23.14 -3.05 37.96
N GLY A 259 21.88 -3.31 37.59
CA GLY A 259 21.47 -3.10 36.23
C GLY A 259 20.49 -1.94 36.22
N LYS A 260 20.44 -1.19 35.14
CA LYS A 260 19.52 -0.08 35.07
C LYS A 260 19.01 0.10 33.67
N LEU A 261 17.71 0.36 33.56
CA LEU A 261 17.06 0.54 32.27
C LEU A 261 16.27 1.84 32.23
N ASN A 262 16.59 2.68 31.25
CA ASN A 262 15.89 3.94 31.08
C ASN A 262 15.01 3.81 29.83
N LEU A 263 13.69 3.91 30.03
CA LEU A 263 12.75 3.83 28.91
C LEU A 263 12.27 5.27 28.74
N VAL A 264 12.71 5.88 27.66
CA VAL A 264 12.40 7.28 27.40
C VAL A 264 11.44 7.55 26.26
N ASP A 265 10.37 8.27 26.57
CA ASP A 265 9.36 8.66 25.61
C ASP A 265 9.53 10.16 25.41
N LEU A 266 10.27 10.55 24.38
CA LEU A 266 10.51 11.96 24.11
C LEU A 266 9.28 12.66 23.54
N ALA A 267 9.26 13.98 23.70
CA ALA A 267 8.19 14.79 23.12
C ALA A 267 8.69 14.82 21.68
N GLY A 268 7.89 15.30 20.74
CA GLY A 268 8.36 15.28 19.36
C GLY A 268 8.39 16.59 18.60
N SER A 269 9.23 16.63 17.58
CA SER A 269 9.37 17.81 16.75
C SER A 269 7.98 18.29 16.36
N GLU A 270 7.75 19.59 16.50
CA GLU A 270 6.46 20.16 16.19
C GLU A 270 6.53 21.50 15.47
N ASN A 271 5.90 21.57 14.32
CA ASN A 271 5.83 22.80 13.54
C ASN A 271 4.54 23.44 14.07
N ILE A 272 4.64 24.52 14.84
CA ILE A 272 3.42 25.12 15.38
C ILE A 272 2.52 25.70 14.31
N GLY A 273 3.08 25.93 13.12
CA GLY A 273 2.27 26.43 12.02
C GLY A 273 1.24 25.37 11.69
N ARG A 274 1.64 24.12 11.80
CA ARG A 274 0.75 23.00 11.52
C ARG A 274 0.01 22.53 12.77
N SER A 275 0.69 22.48 13.91
CA SER A 275 0.05 22.03 15.15
C SER A 275 -0.93 23.07 15.66
N GLY A 276 -0.78 24.30 15.17
CA GLY A 276 -1.65 25.39 15.58
C GLY A 276 -1.50 25.75 17.06
N ALA A 277 -0.42 25.26 17.68
CA ALA A 277 -0.18 25.52 19.10
C ALA A 277 -0.21 27.01 19.45
N VAL A 278 -1.00 27.33 20.47
CA VAL A 278 -1.16 28.70 20.96
C VAL A 278 -0.57 28.83 22.36
N ASP A 279 -0.25 30.07 22.75
CA ASP A 279 0.38 30.37 24.04
C ASP A 279 0.92 29.19 24.85
N LYS A 280 0.18 28.70 25.84
CA LYS A 280 0.70 27.60 26.63
C LYS A 280 1.22 26.44 25.77
N ARG A 281 0.41 25.99 24.81
CA ARG A 281 0.83 24.88 23.94
C ARG A 281 2.05 25.27 23.12
N ALA A 282 2.10 26.53 22.69
CA ALA A 282 3.21 27.05 21.91
C ALA A 282 4.46 27.16 22.76
N ARG A 283 4.30 27.50 24.03
CA ARG A 283 5.41 27.63 24.95
C ARG A 283 6.04 26.24 25.12
N GLU A 284 5.18 25.23 25.22
CA GLU A 284 5.65 23.85 25.35
C GLU A 284 6.40 23.44 24.08
N ALA A 285 5.81 23.73 22.92
CA ALA A 285 6.45 23.38 21.66
C ALA A 285 7.82 24.05 21.54
N GLY A 286 7.91 25.28 22.01
CA GLY A 286 9.19 25.99 21.95
C GLY A 286 10.25 25.22 22.72
N ASN A 287 9.92 24.83 23.94
CA ASN A 287 10.85 24.09 24.78
C ASN A 287 11.12 22.71 24.19
N ILE A 288 10.06 22.07 23.70
CA ILE A 288 10.20 20.75 23.11
C ILE A 288 11.16 20.83 21.91
N ASN A 289 10.89 21.73 20.97
CA ASN A 289 11.75 21.86 19.78
C ASN A 289 13.17 22.26 20.13
N GLN A 290 13.34 23.11 21.14
CA GLN A 290 14.68 23.53 21.51
C GLN A 290 15.44 22.38 22.15
N SER A 291 14.76 21.61 23.01
CA SER A 291 15.42 20.48 23.64
C SER A 291 15.81 19.41 22.62
N LEU A 292 14.94 19.15 21.65
CA LEU A 292 15.24 18.15 20.63
C LEU A 292 16.34 18.64 19.73
N LEU A 293 16.39 19.96 19.51
CA LEU A 293 17.43 20.54 18.69
C LEU A 293 18.76 20.30 19.42
N THR A 294 18.78 20.59 20.72
CA THR A 294 19.97 20.37 21.54
C THR A 294 20.38 18.90 21.45
N LEU A 295 19.41 18.01 21.36
CA LEU A 295 19.69 16.58 21.24
C LEU A 295 20.36 16.32 19.89
N GLY A 296 19.88 17.00 18.85
CA GLY A 296 20.46 16.83 17.53
C GLY A 296 21.90 17.33 17.48
N ARG A 297 22.17 18.42 18.19
CA ARG A 297 23.52 18.98 18.24
C ARG A 297 24.46 18.07 18.99
N VAL A 298 23.95 17.42 20.04
CA VAL A 298 24.75 16.49 20.82
C VAL A 298 25.14 15.32 19.92
N ILE A 299 24.17 14.79 19.21
CA ILE A 299 24.38 13.68 18.29
C ILE A 299 25.43 14.07 17.26
N THR A 300 25.19 15.19 16.60
CA THR A 300 26.12 15.68 15.57
C THR A 300 27.52 15.91 16.12
N ALA A 301 27.60 16.44 17.34
CA ALA A 301 28.88 16.72 17.96
C ALA A 301 29.65 15.42 18.20
N LEU A 302 28.94 14.37 18.58
CA LEU A 302 29.59 13.09 18.84
C LEU A 302 30.06 12.43 17.54
N VAL A 303 29.25 12.49 16.49
CA VAL A 303 29.62 11.88 15.22
C VAL A 303 30.78 12.62 14.56
N GLU A 304 30.83 13.93 14.76
CA GLU A 304 31.89 14.75 14.19
C GLU A 304 33.16 14.78 15.05
N ARG A 305 33.14 14.08 16.18
CA ARG A 305 34.29 14.02 17.06
C ARG A 305 34.68 15.41 17.54
N THR A 306 33.71 16.29 17.66
CA THR A 306 33.92 17.67 18.11
C THR A 306 34.49 17.72 19.53
N PRO A 307 35.34 18.72 19.83
CA PRO A 307 35.95 18.87 21.16
C PRO A 307 34.91 19.00 22.27
N HIS A 308 33.80 19.69 21.98
CA HIS A 308 32.74 19.88 22.97
C HIS A 308 31.40 19.30 22.52
N VAL A 309 30.69 18.71 23.47
CA VAL A 309 29.37 18.11 23.25
C VAL A 309 28.48 18.92 24.19
N PRO A 310 27.49 19.62 23.64
CA PRO A 310 26.57 20.45 24.42
C PRO A 310 25.47 19.77 25.24
N TYR A 311 25.85 18.77 26.03
CA TYR A 311 24.93 18.03 26.90
C TYR A 311 24.17 18.96 27.85
N ARG A 312 24.94 19.80 28.55
CA ARG A 312 24.41 20.72 29.55
C ARG A 312 23.38 21.74 29.06
N GLU A 313 23.24 21.89 27.75
CA GLU A 313 22.29 22.88 27.23
C GLU A 313 20.82 22.53 27.37
N SER A 314 20.54 21.34 27.90
CA SER A 314 19.17 20.90 28.12
C SER A 314 19.12 19.82 29.18
N LYS A 315 18.07 19.81 29.98
CA LYS A 315 17.91 18.79 31.02
C LYS A 315 17.85 17.42 30.36
N LEU A 316 17.30 17.37 29.15
CA LEU A 316 17.16 16.13 28.42
C LEU A 316 18.49 15.48 28.14
N THR A 317 19.43 16.24 27.59
CA THR A 317 20.74 15.72 27.25
C THR A 317 21.65 15.52 28.46
N ARG A 318 21.34 16.17 29.58
CA ARG A 318 22.13 15.97 30.79
C ARG A 318 21.74 14.58 31.29
N ILE A 319 20.43 14.32 31.32
CA ILE A 319 19.91 13.04 31.77
C ILE A 319 20.38 11.96 30.81
N LEU A 320 20.38 12.25 29.51
CA LEU A 320 20.81 11.28 28.51
C LEU A 320 22.31 11.28 28.21
N GLN A 321 23.08 12.07 28.95
CA GLN A 321 24.52 12.16 28.69
C GLN A 321 25.27 10.84 28.60
N ASP A 322 25.15 9.98 29.60
CA ASP A 322 25.87 8.71 29.55
C ASP A 322 25.32 7.81 28.46
N SER A 323 24.04 7.98 28.12
CA SER A 323 23.39 7.20 27.08
C SER A 323 23.90 7.57 25.69
N LEU A 324 24.45 8.77 25.58
CA LEU A 324 24.94 9.26 24.29
C LEU A 324 26.45 9.48 24.27
N GLY A 325 27.18 8.41 24.00
CA GLY A 325 28.64 8.47 23.93
C GLY A 325 29.30 8.02 25.22
N GLY A 326 28.50 7.51 26.15
CA GLY A 326 29.03 7.08 27.43
C GLY A 326 29.05 5.58 27.67
N ARG A 327 28.94 5.19 28.93
CA ARG A 327 28.99 3.78 29.30
C ARG A 327 27.64 3.09 29.45
N THR A 328 26.70 3.49 28.60
CA THR A 328 25.37 2.92 28.61
C THR A 328 25.09 2.27 27.25
N ARG A 329 24.40 1.14 27.25
CA ARG A 329 24.03 0.47 26.01
C ARG A 329 22.74 1.19 25.56
N THR A 330 22.79 1.86 24.42
CA THR A 330 21.62 2.60 23.95
C THR A 330 20.99 2.22 22.62
N SER A 331 19.66 2.22 22.59
CA SER A 331 18.91 1.93 21.38
C SER A 331 17.90 3.03 21.11
N ILE A 332 17.82 3.45 19.85
CA ILE A 332 16.88 4.49 19.44
C ILE A 332 15.80 3.96 18.50
N ILE A 333 14.57 4.32 18.79
CA ILE A 333 13.44 3.95 17.97
C ILE A 333 12.96 5.23 17.31
N ALA A 334 13.25 5.40 16.02
CA ALA A 334 12.82 6.59 15.29
C ALA A 334 11.46 6.26 14.70
N THR A 335 10.47 7.07 15.05
CA THR A 335 9.11 6.89 14.58
C THR A 335 8.79 7.90 13.48
N ILE A 336 8.22 7.39 12.39
CA ILE A 336 7.85 8.24 11.26
C ILE A 336 6.45 7.91 10.74
N SER A 337 5.87 8.89 10.03
CA SER A 337 4.56 8.78 9.41
C SER A 337 4.81 8.46 7.94
N PRO A 338 3.90 7.69 7.30
CA PRO A 338 4.14 7.38 5.88
C PRO A 338 3.61 8.43 4.90
N ALA A 339 2.84 9.40 5.41
CA ALA A 339 2.21 10.43 4.59
C ALA A 339 3.09 11.46 3.88
N SER A 340 2.72 11.77 2.65
CA SER A 340 3.44 12.74 1.84
C SER A 340 3.43 14.11 2.51
N LEU A 341 2.48 14.30 3.40
CA LEU A 341 2.34 15.55 4.15
C LEU A 341 3.55 15.84 5.05
N ASN A 342 4.25 14.78 5.46
CA ASN A 342 5.38 14.96 6.38
C ASN A 342 6.77 14.65 5.82
N LEU A 343 7.02 15.06 4.58
CA LEU A 343 8.31 14.81 3.95
C LEU A 343 9.47 15.39 4.75
N GLU A 344 9.45 16.71 4.98
CA GLU A 344 10.53 17.35 5.71
C GLU A 344 10.72 16.78 7.11
N GLU A 345 9.63 16.58 7.83
CA GLU A 345 9.71 16.06 9.19
C GLU A 345 10.27 14.63 9.21
N THR A 346 9.83 13.83 8.25
CA THR A 346 10.28 12.44 8.15
C THR A 346 11.77 12.39 7.82
N LEU A 347 12.20 13.19 6.85
CA LEU A 347 13.62 13.23 6.49
C LEU A 347 14.46 13.69 7.68
N SER A 348 13.96 14.69 8.41
CA SER A 348 14.68 15.19 9.58
C SER A 348 14.87 14.08 10.61
N THR A 349 13.80 13.34 10.87
CA THR A 349 13.87 12.24 11.83
C THR A 349 14.86 11.16 11.36
N LEU A 350 14.74 10.75 10.10
CA LEU A 350 15.64 9.72 9.57
C LEU A 350 17.10 10.19 9.51
N GLU A 351 17.33 11.44 9.15
CA GLU A 351 18.68 11.96 9.06
C GLU A 351 19.40 11.92 10.41
N TYR A 352 18.78 12.49 11.44
CA TYR A 352 19.40 12.48 12.76
C TYR A 352 19.47 11.09 13.36
N ALA A 353 18.46 10.27 13.11
CA ALA A 353 18.46 8.91 13.63
C ALA A 353 19.60 8.17 12.96
N HIS A 354 19.84 8.47 11.68
CA HIS A 354 20.90 7.79 10.96
C HIS A 354 22.27 8.19 11.52
N ARG A 355 22.44 9.49 11.78
CA ARG A 355 23.69 9.97 12.35
C ARG A 355 23.95 9.28 13.68
N ALA A 356 22.89 9.09 14.46
CA ALA A 356 23.02 8.47 15.78
C ALA A 356 23.63 7.07 15.70
N LYS A 357 23.44 6.39 14.59
CA LYS A 357 23.99 5.05 14.42
C LYS A 357 25.51 5.05 14.57
N ASN A 358 26.15 6.15 14.17
CA ASN A 358 27.60 6.25 14.23
C ASN A 358 28.18 6.61 15.59
N ILE A 359 27.32 6.87 16.58
CA ILE A 359 27.83 7.21 17.91
C ILE A 359 28.30 5.95 18.62
N LEU A 360 29.53 6.00 19.11
CA LEU A 360 30.08 4.84 19.79
C LEU A 360 29.97 4.95 21.30
N ASN A 361 29.38 3.94 21.92
CA ASN A 361 29.23 3.90 23.38
C ASN A 361 30.17 2.84 23.93
N LYS A 362 30.45 2.92 25.22
CA LYS A 362 31.36 1.99 25.90
C LYS A 362 30.64 1.33 27.06
N PRO A 363 29.66 0.47 26.79
CA PRO A 363 28.93 -0.20 27.86
C PRO A 363 29.83 -1.00 28.79
N GLU A 364 29.48 -1.07 30.07
CA GLU A 364 30.27 -1.84 31.01
C GLU A 364 29.40 -2.21 32.20
N VAL A 365 29.62 -3.41 32.72
CA VAL A 365 28.87 -3.91 33.85
C VAL A 365 29.10 -3.01 35.07
N ASN A 366 28.11 -2.93 35.95
CA ASN A 366 28.20 -2.11 37.17
C ASN A 366 28.64 -2.97 38.35
N LYS B 17 -24.02 -1.70 -10.95
CA LYS B 17 -24.84 -2.93 -11.05
C LYS B 17 -25.13 -3.25 -12.52
N ASN B 18 -25.75 -2.32 -13.22
CA ASN B 18 -26.04 -2.51 -14.64
C ASN B 18 -24.74 -2.45 -15.43
N ILE B 19 -24.54 -3.41 -16.33
CA ILE B 19 -23.34 -3.44 -17.15
C ILE B 19 -23.17 -2.13 -17.93
N GLN B 20 -21.99 -1.53 -17.81
CA GLN B 20 -21.72 -0.28 -18.51
C GLN B 20 -21.34 -0.60 -19.95
N VAL B 21 -22.01 0.05 -20.91
CA VAL B 21 -21.71 -0.18 -22.31
C VAL B 21 -21.44 1.14 -23.02
N VAL B 22 -20.26 1.24 -23.65
CA VAL B 22 -19.88 2.42 -24.38
C VAL B 22 -19.55 2.02 -25.81
N VAL B 23 -19.65 2.97 -26.72
CA VAL B 23 -19.38 2.73 -28.13
C VAL B 23 -18.26 3.61 -28.62
N ARG B 24 -17.35 3.04 -29.40
CA ARG B 24 -16.24 3.80 -29.96
C ARG B 24 -16.20 3.63 -31.49
N CYS B 25 -16.41 4.72 -32.21
CA CYS B 25 -16.35 4.67 -33.67
C CYS B 25 -14.96 5.12 -34.06
N ARG B 26 -14.27 4.29 -34.85
CA ARG B 26 -12.93 4.63 -35.30
C ARG B 26 -13.08 5.52 -36.52
N PRO B 27 -12.00 6.15 -36.96
CA PRO B 27 -12.09 7.01 -38.14
C PRO B 27 -12.11 6.16 -39.39
N PHE B 28 -12.42 6.77 -40.52
CA PHE B 28 -12.43 6.05 -41.80
C PHE B 28 -11.01 5.56 -42.02
N ASN B 29 -10.86 4.41 -42.68
CA ASN B 29 -9.53 3.91 -43.00
C ASN B 29 -9.38 4.17 -44.49
N LEU B 30 -8.17 4.00 -45.03
CA LEU B 30 -7.94 4.26 -46.45
C LEU B 30 -8.86 3.49 -47.40
N ALA B 31 -8.94 2.18 -47.25
CA ALA B 31 -9.78 1.39 -48.14
C ALA B 31 -11.23 1.88 -48.22
N GLU B 32 -11.74 2.39 -47.12
CA GLU B 32 -13.13 2.87 -47.09
C GLU B 32 -13.27 4.16 -47.89
N ARG B 33 -12.30 5.05 -47.74
CA ARG B 33 -12.32 6.31 -48.48
C ARG B 33 -12.14 6.00 -49.95
N LYS B 34 -11.17 5.13 -50.23
CA LYS B 34 -10.85 4.72 -51.59
C LYS B 34 -12.07 4.12 -52.27
N ALA B 35 -12.96 3.49 -51.49
CA ALA B 35 -14.14 2.87 -52.06
C ALA B 35 -15.30 3.85 -52.14
N SER B 36 -15.03 5.11 -51.83
CA SER B 36 -16.06 6.14 -51.86
C SER B 36 -17.27 5.80 -50.99
N ALA B 37 -17.03 5.07 -49.92
CA ALA B 37 -18.11 4.71 -49.01
C ALA B 37 -18.48 5.99 -48.25
N HIS B 38 -19.74 6.16 -47.91
CA HIS B 38 -20.11 7.36 -47.16
C HIS B 38 -20.28 7.02 -45.69
N SER B 39 -20.46 8.04 -44.87
CA SER B 39 -20.67 7.85 -43.45
C SER B 39 -22.14 7.62 -43.15
N ILE B 40 -22.44 6.60 -42.36
CA ILE B 40 -23.81 6.31 -41.97
C ILE B 40 -23.89 6.33 -40.45
N VAL B 41 -22.82 6.77 -39.81
CA VAL B 41 -22.76 6.83 -38.36
C VAL B 41 -22.61 8.24 -37.84
N GLU B 42 -23.37 8.56 -36.79
CA GLU B 42 -23.28 9.86 -36.16
C GLU B 42 -23.20 9.61 -34.66
N CYS B 43 -22.11 10.09 -34.05
CA CYS B 43 -21.93 9.92 -32.62
C CYS B 43 -22.19 11.25 -31.94
N ASP B 44 -22.93 11.21 -30.83
CA ASP B 44 -23.24 12.43 -30.07
C ASP B 44 -22.83 12.10 -28.64
N PRO B 45 -21.58 12.40 -28.28
CA PRO B 45 -21.11 12.12 -26.92
C PRO B 45 -21.89 12.85 -25.81
N VAL B 46 -22.41 14.02 -26.12
CA VAL B 46 -23.18 14.79 -25.15
C VAL B 46 -24.47 14.03 -24.83
N ARG B 47 -25.24 13.69 -25.86
CA ARG B 47 -26.49 12.97 -25.66
C ARG B 47 -26.25 11.48 -25.43
N LYS B 48 -25.00 11.04 -25.57
CA LYS B 48 -24.63 9.65 -25.37
C LYS B 48 -25.38 8.76 -26.35
N GLU B 49 -25.52 9.25 -27.57
CA GLU B 49 -26.24 8.51 -28.59
C GLU B 49 -25.37 8.20 -29.80
N VAL B 50 -25.81 7.20 -30.55
CA VAL B 50 -25.14 6.78 -31.79
C VAL B 50 -26.27 6.59 -32.79
N SER B 51 -26.23 7.32 -33.89
CA SER B 51 -27.27 7.19 -34.90
C SER B 51 -26.71 6.62 -36.19
N VAL B 52 -27.40 5.64 -36.74
CA VAL B 52 -26.98 4.99 -37.98
C VAL B 52 -28.01 5.16 -39.09
N ARG B 53 -27.57 5.68 -40.24
CA ARG B 53 -28.49 5.84 -41.36
C ARG B 53 -28.67 4.45 -41.99
N THR B 54 -29.90 3.95 -41.92
CA THR B 54 -30.23 2.62 -42.42
C THR B 54 -30.89 2.57 -43.79
N GLY B 55 -31.30 3.74 -44.29
CA GLY B 55 -31.96 3.82 -45.57
C GLY B 55 -31.12 3.52 -46.80
N GLY B 56 -29.81 3.41 -46.62
CA GLY B 56 -28.95 3.13 -47.76
C GLY B 56 -28.86 4.26 -48.77
N LEU B 57 -28.37 3.95 -49.96
CA LEU B 57 -28.21 4.94 -51.02
C LEU B 57 -29.54 5.55 -51.46
N ALA B 58 -30.60 4.74 -51.46
CA ALA B 58 -31.91 5.21 -51.86
C ALA B 58 -32.54 6.19 -50.85
N ASP B 59 -32.49 5.84 -49.57
CA ASP B 59 -33.05 6.70 -48.52
C ASP B 59 -31.93 7.25 -47.64
N LYS B 60 -31.60 8.52 -47.82
CA LYS B 60 -30.53 9.15 -47.03
C LYS B 60 -31.02 9.84 -45.77
N SER B 61 -32.29 9.65 -45.43
CA SER B 61 -32.89 10.27 -44.27
C SER B 61 -33.09 9.34 -43.07
N SER B 62 -33.61 8.14 -43.35
CA SER B 62 -33.89 7.14 -42.32
C SER B 62 -32.68 6.73 -41.45
N ARG B 63 -32.83 6.84 -40.14
CA ARG B 63 -31.76 6.45 -39.23
C ARG B 63 -32.28 5.87 -37.91
N LYS B 64 -31.49 4.96 -37.34
CA LYS B 64 -31.81 4.30 -36.09
C LYS B 64 -30.86 4.83 -35.02
N THR B 65 -31.44 5.28 -33.90
CA THR B 65 -30.64 5.85 -32.82
C THR B 65 -30.57 4.99 -31.57
N TYR B 66 -29.37 4.88 -31.02
CA TYR B 66 -29.16 4.10 -29.80
C TYR B 66 -28.56 5.00 -28.73
N THR B 67 -28.85 4.71 -27.48
CA THR B 67 -28.32 5.49 -26.37
C THR B 67 -27.47 4.57 -25.50
N PHE B 68 -26.25 5.00 -25.20
CA PHE B 68 -25.36 4.20 -24.36
C PHE B 68 -24.89 5.00 -23.16
N ASP B 69 -23.99 4.43 -22.37
CA ASP B 69 -23.45 5.10 -21.19
C ASP B 69 -22.44 6.16 -21.61
N MET B 70 -21.70 5.87 -22.66
CA MET B 70 -20.71 6.82 -23.19
C MET B 70 -20.54 6.55 -24.68
N VAL B 71 -20.29 7.60 -25.44
CA VAL B 71 -20.10 7.46 -26.87
C VAL B 71 -18.86 8.21 -27.34
N PHE B 72 -17.97 7.48 -28.00
CA PHE B 72 -16.73 8.04 -28.50
C PHE B 72 -16.69 8.06 -30.02
N GLY B 73 -16.64 9.27 -30.58
CA GLY B 73 -16.58 9.43 -32.01
C GLY B 73 -15.17 9.19 -32.51
N ALA B 74 -15.01 9.33 -33.83
CA ALA B 74 -13.72 9.10 -34.48
C ALA B 74 -12.55 9.94 -33.97
N SER B 75 -12.83 11.07 -33.32
CA SER B 75 -11.75 11.92 -32.82
C SER B 75 -11.21 11.53 -31.44
N THR B 76 -11.86 10.56 -30.79
CA THR B 76 -11.44 10.11 -29.47
C THR B 76 -10.05 9.47 -29.45
N LYS B 77 -9.18 9.99 -28.59
CA LYS B 77 -7.82 9.47 -28.47
C LYS B 77 -7.74 8.35 -27.44
N GLN B 78 -6.67 7.57 -27.49
CA GLN B 78 -6.47 6.46 -26.56
C GLN B 78 -6.62 6.92 -25.10
N ILE B 79 -5.88 7.96 -24.73
CA ILE B 79 -5.94 8.46 -23.35
C ILE B 79 -7.36 8.84 -22.93
N ASP B 80 -8.15 9.33 -23.87
CA ASP B 80 -9.52 9.71 -23.58
C ASP B 80 -10.32 8.47 -23.15
N VAL B 81 -10.08 7.34 -23.82
CA VAL B 81 -10.79 6.12 -23.46
C VAL B 81 -10.35 5.63 -22.10
N TYR B 82 -9.07 5.83 -21.79
CA TYR B 82 -8.56 5.40 -20.50
C TYR B 82 -9.12 6.24 -19.35
N ARG B 83 -9.00 7.56 -19.45
CA ARG B 83 -9.50 8.43 -18.40
C ARG B 83 -10.98 8.24 -18.14
N SER B 84 -11.75 8.20 -19.22
CA SER B 84 -13.19 8.07 -19.10
C SER B 84 -13.70 6.70 -18.65
N VAL B 85 -13.17 5.64 -19.25
CA VAL B 85 -13.60 4.29 -18.94
C VAL B 85 -12.77 3.47 -17.95
N VAL B 86 -11.46 3.43 -18.14
CA VAL B 86 -10.60 2.62 -17.29
C VAL B 86 -10.31 3.14 -15.88
N CYS B 87 -10.10 4.44 -15.72
CA CYS B 87 -9.80 5.00 -14.41
C CYS B 87 -10.80 4.63 -13.32
N PRO B 88 -12.09 4.93 -13.54
CA PRO B 88 -13.08 4.59 -12.52
C PRO B 88 -13.10 3.09 -12.19
N ILE B 89 -12.96 2.27 -13.22
CA ILE B 89 -12.97 0.82 -13.07
C ILE B 89 -11.75 0.34 -12.30
N LEU B 90 -10.61 0.97 -12.54
CA LEU B 90 -9.38 0.60 -11.87
C LEU B 90 -9.46 0.85 -10.37
N ASP B 91 -10.00 2.01 -9.98
CA ASP B 91 -10.10 2.32 -8.56
C ASP B 91 -10.97 1.27 -7.87
N GLU B 92 -11.86 0.64 -8.62
CA GLU B 92 -12.74 -0.39 -8.09
C GLU B 92 -11.96 -1.69 -7.88
N VAL B 93 -11.00 -1.93 -8.77
CA VAL B 93 -10.17 -3.12 -8.67
C VAL B 93 -9.35 -3.01 -7.38
N ILE B 94 -8.75 -1.84 -7.17
CA ILE B 94 -7.96 -1.60 -5.98
C ILE B 94 -8.83 -1.62 -4.73
N MET B 95 -10.13 -1.43 -4.92
CA MET B 95 -11.08 -1.47 -3.81
C MET B 95 -11.40 -2.90 -3.42
N GLY B 96 -10.98 -3.85 -4.25
CA GLY B 96 -11.24 -5.25 -3.96
C GLY B 96 -12.32 -5.87 -4.83
N TYR B 97 -12.72 -5.15 -5.88
CA TYR B 97 -13.75 -5.64 -6.80
C TYR B 97 -13.13 -6.44 -7.95
N ASN B 98 -13.96 -7.27 -8.58
CA ASN B 98 -13.54 -8.04 -9.74
C ASN B 98 -14.12 -7.29 -10.92
N CYS B 99 -13.27 -6.84 -11.84
CA CYS B 99 -13.77 -6.09 -12.98
C CYS B 99 -13.34 -6.61 -14.33
N THR B 100 -14.22 -6.46 -15.31
CA THR B 100 -13.95 -6.92 -16.66
C THR B 100 -14.28 -5.87 -17.70
N ILE B 101 -13.39 -5.74 -18.67
CA ILE B 101 -13.61 -4.83 -19.79
C ILE B 101 -13.32 -5.66 -21.03
N PHE B 102 -14.26 -5.71 -21.96
CA PHE B 102 -13.99 -6.43 -23.19
C PHE B 102 -14.45 -5.66 -24.42
N ALA B 103 -13.61 -5.70 -25.45
CA ALA B 103 -13.88 -5.00 -26.70
C ALA B 103 -14.68 -5.94 -27.59
N TYR B 104 -15.77 -5.43 -28.16
CA TYR B 104 -16.66 -6.23 -28.99
C TYR B 104 -17.07 -5.48 -30.26
N GLY B 105 -16.95 -6.16 -31.41
CA GLY B 105 -17.30 -5.54 -32.67
C GLY B 105 -16.74 -6.22 -33.90
N GLN B 106 -17.23 -5.80 -35.07
CA GLN B 106 -16.83 -6.33 -36.38
C GLN B 106 -15.30 -6.35 -36.55
N THR B 107 -14.82 -7.24 -37.40
CA THR B 107 -13.39 -7.33 -37.66
C THR B 107 -12.88 -6.01 -38.20
N GLY B 108 -11.71 -5.59 -37.70
CA GLY B 108 -11.06 -4.37 -38.16
C GLY B 108 -11.59 -3.04 -37.66
N THR B 109 -12.54 -3.07 -36.74
CA THR B 109 -13.11 -1.84 -36.22
C THR B 109 -12.36 -1.21 -35.05
N GLY B 110 -11.37 -1.90 -34.49
CA GLY B 110 -10.62 -1.29 -33.40
C GLY B 110 -10.50 -1.96 -32.04
N LYS B 111 -10.84 -3.23 -31.93
CA LYS B 111 -10.74 -3.93 -30.64
C LYS B 111 -9.33 -4.03 -30.11
N THR B 112 -8.43 -4.55 -30.92
CA THR B 112 -7.04 -4.69 -30.52
C THR B 112 -6.37 -3.34 -30.36
N PHE B 113 -6.68 -2.41 -31.26
CA PHE B 113 -6.11 -1.07 -31.19
C PHE B 113 -6.52 -0.41 -29.87
N THR B 114 -7.75 -0.65 -29.43
CA THR B 114 -8.26 -0.07 -28.19
C THR B 114 -7.75 -0.77 -26.93
N MET B 115 -7.77 -2.10 -26.93
CA MET B 115 -7.30 -2.85 -25.78
C MET B 115 -5.78 -2.87 -25.59
N GLU B 116 -5.04 -2.98 -26.69
CA GLU B 116 -3.57 -3.03 -26.61
C GLU B 116 -2.93 -1.77 -27.17
N GLY B 117 -3.41 -1.32 -28.32
CA GLY B 117 -2.86 -0.11 -28.92
C GLY B 117 -1.60 -0.39 -29.71
N GLU B 118 -0.86 0.65 -30.03
CA GLU B 118 0.38 0.50 -30.79
C GLU B 118 1.42 1.52 -30.33
N ARG B 119 2.62 1.46 -30.92
CA ARG B 119 3.71 2.37 -30.59
C ARG B 119 3.92 3.37 -31.72
N SER B 120 4.33 4.58 -31.38
CA SER B 120 4.58 5.62 -32.38
C SER B 120 5.96 5.47 -33.02
N PRO B 121 6.02 5.47 -34.37
CA PRO B 121 7.26 5.33 -35.13
C PRO B 121 8.21 6.53 -35.00
N ASN B 122 8.46 6.97 -33.77
CA ASN B 122 9.35 8.10 -33.52
C ASN B 122 10.10 7.91 -32.21
N GLU B 123 9.59 7.00 -31.38
CA GLU B 123 10.21 6.69 -30.09
C GLU B 123 10.22 7.90 -29.17
N GLU B 124 9.47 8.93 -29.54
CA GLU B 124 9.39 10.15 -28.74
C GLU B 124 8.77 9.83 -27.38
N TYR B 125 8.26 8.61 -27.21
CA TYR B 125 7.63 8.25 -25.95
C TYR B 125 7.94 6.85 -25.45
N THR B 126 7.76 6.68 -24.14
CA THR B 126 7.93 5.40 -23.49
C THR B 126 6.56 4.78 -23.69
N TRP B 127 6.38 3.51 -23.40
CA TRP B 127 5.08 2.89 -23.60
C TRP B 127 3.96 3.69 -22.94
N GLU B 128 3.98 3.78 -21.61
CA GLU B 128 2.95 4.51 -20.86
C GLU B 128 2.78 5.96 -21.32
N GLU B 129 3.70 6.43 -22.14
CA GLU B 129 3.63 7.81 -22.63
C GLU B 129 3.08 7.86 -24.06
N ASP B 130 3.26 6.78 -24.80
CA ASP B 130 2.80 6.74 -26.18
C ASP B 130 1.31 6.98 -26.34
N PRO B 131 0.94 8.01 -27.12
CA PRO B 131 -0.47 8.35 -27.35
C PRO B 131 -1.23 7.21 -28.02
N LEU B 132 -0.50 6.31 -28.66
CA LEU B 132 -1.13 5.17 -29.34
C LEU B 132 -1.29 3.96 -28.43
N ALA B 133 -0.68 4.02 -27.24
CA ALA B 133 -0.78 2.91 -26.30
C ALA B 133 -2.23 2.64 -25.97
N GLY B 134 -2.58 1.36 -25.82
CA GLY B 134 -3.94 0.99 -25.51
C GLY B 134 -4.24 0.89 -24.02
N ILE B 135 -5.42 0.38 -23.70
CA ILE B 135 -5.89 0.22 -22.33
C ILE B 135 -4.97 -0.59 -21.43
N ILE B 136 -4.51 -1.74 -21.92
CA ILE B 136 -3.67 -2.63 -21.13
C ILE B 136 -2.33 -2.05 -20.69
N PRO B 137 -1.51 -1.57 -21.63
CA PRO B 137 -0.24 -1.01 -21.15
C PRO B 137 -0.44 0.15 -20.18
N ARG B 138 -1.51 0.93 -20.40
CA ARG B 138 -1.81 2.05 -19.51
C ARG B 138 -2.26 1.60 -18.13
N THR B 139 -3.16 0.63 -18.07
CA THR B 139 -3.65 0.14 -16.79
C THR B 139 -2.54 -0.44 -15.94
N LEU B 140 -1.59 -1.13 -16.60
CA LEU B 140 -0.47 -1.73 -15.89
C LEU B 140 0.38 -0.69 -15.18
N HIS B 141 0.76 0.35 -15.91
CA HIS B 141 1.58 1.43 -15.37
C HIS B 141 0.87 2.14 -14.21
N GLN B 142 -0.43 2.39 -14.38
CA GLN B 142 -1.22 3.06 -13.35
C GLN B 142 -1.44 2.22 -12.10
N ILE B 143 -1.49 0.89 -12.26
CA ILE B 143 -1.69 0.01 -11.12
C ILE B 143 -0.55 0.19 -10.11
N PHE B 144 0.69 0.12 -10.59
CA PHE B 144 1.84 0.28 -9.70
C PHE B 144 1.89 1.70 -9.14
N GLU B 145 1.59 2.70 -9.97
CA GLU B 145 1.60 4.07 -9.49
C GLU B 145 0.56 4.23 -8.37
N LYS B 146 -0.66 3.79 -8.64
CA LYS B 146 -1.74 3.90 -7.65
C LYS B 146 -1.44 3.12 -6.37
N LEU B 147 -0.99 1.87 -6.53
CA LEU B 147 -0.68 1.02 -5.39
C LEU B 147 0.39 1.65 -4.50
N THR B 148 1.48 2.12 -5.13
CA THR B 148 2.57 2.73 -4.37
C THR B 148 2.08 3.98 -3.65
N ASP B 149 1.20 4.75 -4.30
CA ASP B 149 0.64 5.95 -3.70
C ASP B 149 -0.24 5.59 -2.50
N ASN B 150 -0.96 4.48 -2.63
CA ASN B 150 -1.86 4.05 -1.56
C ASN B 150 -1.13 3.60 -0.29
N GLY B 151 0.04 2.98 -0.46
CA GLY B 151 0.81 2.52 0.69
C GLY B 151 0.61 1.08 1.08
N THR B 152 -0.50 0.48 0.66
CA THR B 152 -0.79 -0.90 1.00
C THR B 152 0.35 -1.84 0.58
N GLU B 153 0.41 -2.99 1.24
CA GLU B 153 1.41 -3.99 0.90
C GLU B 153 0.72 -4.75 -0.22
N PHE B 154 1.33 -4.81 -1.40
CA PHE B 154 0.69 -5.47 -2.52
C PHE B 154 1.57 -6.40 -3.33
N SER B 155 0.91 -7.24 -4.12
CA SER B 155 1.58 -8.18 -5.00
C SER B 155 0.74 -8.18 -6.29
N VAL B 156 1.41 -8.12 -7.44
CA VAL B 156 0.70 -8.13 -8.71
C VAL B 156 1.06 -9.35 -9.51
N LYS B 157 0.04 -10.02 -10.03
CA LYS B 157 0.18 -11.24 -10.81
C LYS B 157 -0.59 -11.12 -12.12
N VAL B 158 0.03 -11.49 -13.24
CA VAL B 158 -0.63 -11.40 -14.53
C VAL B 158 -0.66 -12.72 -15.29
N SER B 159 -1.63 -12.84 -16.20
CA SER B 159 -1.76 -14.03 -17.03
C SER B 159 -2.41 -13.64 -18.35
N LEU B 160 -2.04 -14.34 -19.42
CA LEU B 160 -2.58 -14.05 -20.74
C LEU B 160 -2.85 -15.36 -21.49
N LEU B 161 -4.08 -15.53 -21.93
CA LEU B 161 -4.47 -16.72 -22.67
C LEU B 161 -5.36 -16.30 -23.82
N GLU B 162 -5.53 -17.20 -24.79
CA GLU B 162 -6.40 -16.90 -25.91
C GLU B 162 -7.30 -18.09 -26.13
N ILE B 163 -8.51 -17.82 -26.60
CA ILE B 163 -9.46 -18.88 -26.90
C ILE B 163 -9.42 -19.01 -28.41
N TYR B 164 -8.72 -20.04 -28.88
CA TYR B 164 -8.57 -20.29 -30.30
C TYR B 164 -9.39 -21.52 -30.65
N ASN B 165 -10.40 -21.35 -31.49
CA ASN B 165 -11.26 -22.46 -31.89
C ASN B 165 -11.74 -23.27 -30.68
N GLU B 166 -12.42 -22.60 -29.76
CA GLU B 166 -12.95 -23.23 -28.55
C GLU B 166 -11.91 -23.99 -27.71
N GLU B 167 -10.68 -23.49 -27.71
CA GLU B 167 -9.63 -24.10 -26.91
C GLU B 167 -8.80 -22.99 -26.29
N LEU B 168 -8.21 -23.29 -25.13
CA LEU B 168 -7.42 -22.31 -24.41
C LEU B 168 -5.93 -22.56 -24.52
N PHE B 169 -5.16 -21.50 -24.78
CA PHE B 169 -3.72 -21.61 -24.87
C PHE B 169 -3.10 -20.46 -24.07
N ASP B 170 -2.06 -20.78 -23.31
CA ASP B 170 -1.35 -19.80 -22.50
C ASP B 170 -0.38 -19.03 -23.38
N LEU B 171 -0.47 -17.70 -23.37
CA LEU B 171 0.41 -16.88 -24.19
C LEU B 171 1.64 -16.39 -23.44
N LEU B 172 1.80 -16.82 -22.20
CA LEU B 172 2.95 -16.41 -21.42
C LEU B 172 3.89 -17.56 -21.07
N ASN B 173 3.54 -18.77 -21.51
CA ASN B 173 4.37 -19.93 -21.25
C ASN B 173 5.80 -19.63 -21.70
N PRO B 174 6.78 -20.41 -21.23
CA PRO B 174 8.18 -20.20 -21.60
C PRO B 174 8.53 -20.62 -23.02
N SER B 175 7.53 -20.70 -23.89
CA SER B 175 7.74 -21.11 -25.28
C SER B 175 8.29 -22.53 -25.32
N SER B 176 7.82 -23.36 -24.40
CA SER B 176 8.25 -24.75 -24.31
C SER B 176 7.45 -25.63 -25.27
N ASP B 177 6.14 -25.40 -25.30
CA ASP B 177 5.26 -26.16 -26.19
C ASP B 177 4.61 -25.29 -27.25
N VAL B 178 3.97 -25.94 -28.21
CA VAL B 178 3.29 -25.26 -29.30
C VAL B 178 1.89 -25.84 -29.44
N SER B 179 1.75 -27.11 -29.06
CA SER B 179 0.48 -27.82 -29.15
C SER B 179 -0.02 -28.19 -27.75
N GLU B 180 0.14 -27.27 -26.80
CA GLU B 180 -0.30 -27.51 -25.43
C GLU B 180 -1.54 -26.66 -25.13
N ARG B 181 -2.67 -27.32 -24.92
CA ARG B 181 -3.91 -26.61 -24.63
C ARG B 181 -4.39 -26.78 -23.18
N LEU B 182 -4.49 -25.64 -22.48
CA LEU B 182 -4.93 -25.62 -21.10
C LEU B 182 -6.33 -26.24 -20.99
N GLN B 183 -6.75 -26.52 -19.77
CA GLN B 183 -8.07 -27.09 -19.53
C GLN B 183 -8.73 -26.31 -18.40
N MET B 184 -10.06 -26.14 -18.48
CA MET B 184 -10.77 -25.40 -17.45
C MET B 184 -11.82 -26.23 -16.72
N PHE B 185 -12.02 -25.91 -15.45
CA PHE B 185 -13.01 -26.60 -14.63
C PHE B 185 -13.89 -25.58 -13.92
N ASP B 186 -15.10 -25.98 -13.57
CA ASP B 186 -16.01 -25.09 -12.86
C ASP B 186 -15.36 -24.75 -11.52
N ASP B 187 -15.39 -23.47 -11.15
CA ASP B 187 -14.79 -23.03 -9.90
C ASP B 187 -15.55 -23.59 -8.69
N PRO B 188 -14.87 -24.38 -7.83
CA PRO B 188 -15.49 -24.97 -6.65
C PRO B 188 -16.03 -23.91 -5.68
N ARG B 189 -15.32 -22.80 -5.56
CA ARG B 189 -15.72 -21.73 -4.67
C ARG B 189 -16.62 -20.70 -5.35
N ASN B 190 -16.54 -20.60 -6.67
CA ASN B 190 -17.35 -19.66 -7.43
C ASN B 190 -18.33 -20.40 -8.31
N LYS B 191 -19.62 -20.28 -8.02
CA LYS B 191 -20.65 -20.93 -8.81
C LYS B 191 -20.85 -20.20 -10.15
N ARG B 192 -20.18 -19.06 -10.28
CA ARG B 192 -20.28 -18.27 -11.50
C ARG B 192 -18.95 -18.23 -12.24
N GLY B 193 -17.87 -18.62 -11.56
CA GLY B 193 -16.55 -18.61 -12.16
C GLY B 193 -16.01 -19.92 -12.69
N VAL B 194 -14.73 -19.89 -13.07
CA VAL B 194 -14.06 -21.07 -13.61
C VAL B 194 -12.58 -21.05 -13.24
N ILE B 195 -11.92 -22.19 -13.32
CA ILE B 195 -10.50 -22.30 -13.03
C ILE B 195 -9.78 -22.88 -14.24
N ILE B 196 -8.71 -22.22 -14.67
CA ILE B 196 -7.92 -22.68 -15.81
C ILE B 196 -6.65 -23.33 -15.29
N LYS B 197 -6.61 -24.66 -15.35
CA LYS B 197 -5.46 -25.41 -14.85
C LYS B 197 -4.24 -25.27 -15.75
N GLY B 198 -3.08 -25.04 -15.14
CA GLY B 198 -1.85 -24.91 -15.91
C GLY B 198 -1.60 -23.53 -16.45
N LEU B 199 -2.43 -22.58 -16.04
CA LEU B 199 -2.28 -21.20 -16.50
C LEU B 199 -1.14 -20.48 -15.78
N GLU B 200 -0.12 -20.09 -16.55
CA GLU B 200 1.01 -19.39 -15.97
C GLU B 200 0.60 -18.03 -15.41
N GLU B 201 0.76 -17.87 -14.10
CA GLU B 201 0.44 -16.61 -13.44
C GLU B 201 1.77 -16.05 -12.97
N ILE B 202 2.24 -15.02 -13.66
CA ILE B 202 3.53 -14.42 -13.34
C ILE B 202 3.45 -13.17 -12.47
N THR B 203 4.24 -13.17 -11.40
CA THR B 203 4.31 -12.07 -10.46
C THR B 203 5.24 -11.01 -11.04
N VAL B 204 4.76 -9.78 -11.12
CA VAL B 204 5.56 -8.67 -11.62
C VAL B 204 5.74 -7.66 -10.51
N HIS B 205 6.92 -7.05 -10.45
CA HIS B 205 7.21 -6.09 -9.39
C HIS B 205 7.22 -4.63 -9.80
N ASN B 206 7.17 -4.38 -11.10
CA ASN B 206 7.13 -3.00 -11.60
C ASN B 206 6.67 -2.97 -13.04
N LYS B 207 6.46 -1.78 -13.58
CA LYS B 207 6.02 -1.65 -14.96
C LYS B 207 6.96 -2.33 -15.94
N ASP B 208 8.26 -2.06 -15.80
CA ASP B 208 9.27 -2.63 -16.69
C ASP B 208 9.12 -4.13 -16.83
N GLU B 209 8.93 -4.81 -15.71
CA GLU B 209 8.79 -6.26 -15.71
C GLU B 209 7.54 -6.71 -16.46
N VAL B 210 6.43 -6.04 -16.19
CA VAL B 210 5.16 -6.42 -16.82
C VAL B 210 5.16 -6.11 -18.34
N TYR B 211 5.87 -5.07 -18.75
CA TYR B 211 5.91 -4.74 -20.18
C TYR B 211 6.62 -5.81 -21.00
N GLN B 212 7.75 -6.29 -20.48
CA GLN B 212 8.51 -7.33 -21.17
C GLN B 212 7.60 -8.53 -21.40
N ILE B 213 6.88 -8.92 -20.35
CA ILE B 213 5.97 -10.06 -20.41
C ILE B 213 4.77 -9.80 -21.33
N LEU B 214 4.35 -8.54 -21.43
CA LEU B 214 3.23 -8.18 -22.28
C LEU B 214 3.61 -8.27 -23.76
N GLU B 215 4.61 -7.51 -24.16
CA GLU B 215 5.07 -7.52 -25.55
C GLU B 215 5.23 -8.93 -26.11
N LYS B 216 5.80 -9.82 -25.32
CA LYS B 216 6.00 -11.19 -25.78
C LYS B 216 4.68 -11.94 -25.86
N GLY B 217 3.80 -11.70 -24.91
CA GLY B 217 2.51 -12.37 -24.92
C GLY B 217 1.67 -11.90 -26.10
N ALA B 218 1.50 -10.59 -26.22
CA ALA B 218 0.71 -10.01 -27.29
C ALA B 218 1.20 -10.46 -28.67
N ALA B 219 2.50 -10.63 -28.81
CA ALA B 219 3.08 -11.06 -30.08
C ALA B 219 2.79 -12.53 -30.33
N LYS B 220 2.57 -13.28 -29.25
CA LYS B 220 2.26 -14.71 -29.35
C LYS B 220 0.81 -14.94 -29.76
N ARG B 221 -0.05 -13.96 -29.48
CA ARG B 221 -1.48 -14.03 -29.79
C ARG B 221 -1.68 -14.30 -31.29
N THR B 222 -2.44 -15.35 -31.59
CA THR B 222 -2.69 -15.74 -32.98
C THR B 222 -3.29 -14.61 -33.80
N THR B 223 -2.52 -14.13 -34.75
CA THR B 223 -2.93 -13.04 -35.62
C THR B 223 -2.64 -13.43 -37.06
N ALA B 224 -3.61 -13.18 -37.95
CA ALA B 224 -3.45 -13.52 -39.35
C ALA B 224 -4.06 -12.43 -40.22
N ALA B 225 -3.70 -12.45 -41.50
CA ALA B 225 -4.19 -11.46 -42.43
C ALA B 225 -5.45 -11.92 -43.15
N THR B 226 -6.33 -10.98 -43.46
CA THR B 226 -7.55 -11.24 -44.21
C THR B 226 -7.75 -9.98 -45.05
N LEU B 227 -8.70 -9.99 -45.97
CA LEU B 227 -8.92 -8.81 -46.79
C LEU B 227 -9.48 -7.68 -45.94
N MET B 228 -10.08 -8.04 -44.81
CA MET B 228 -10.67 -7.06 -43.89
C MET B 228 -9.65 -6.47 -42.91
N ASN B 229 -8.72 -7.28 -42.46
CA ASN B 229 -7.72 -6.82 -41.51
C ASN B 229 -6.41 -7.58 -41.69
N ALA B 230 -5.37 -6.86 -42.10
CA ALA B 230 -4.07 -7.48 -42.31
C ALA B 230 -3.54 -8.06 -41.01
N TYR B 231 -3.99 -7.51 -39.87
CA TYR B 231 -3.56 -8.00 -38.57
C TYR B 231 -4.76 -8.38 -37.70
N SER B 232 -5.60 -9.25 -38.25
CA SER B 232 -6.81 -9.72 -37.59
C SER B 232 -6.51 -10.67 -36.44
N SER B 233 -7.31 -10.57 -35.38
CA SER B 233 -7.13 -11.46 -34.24
C SER B 233 -7.92 -12.71 -34.55
N ARG B 234 -7.23 -13.85 -34.53
CA ARG B 234 -7.87 -15.11 -34.84
C ARG B 234 -8.29 -15.83 -33.56
N SER B 235 -8.35 -15.07 -32.46
CA SER B 235 -8.72 -15.62 -31.17
C SER B 235 -9.14 -14.51 -30.21
N HIS B 236 -9.76 -14.92 -29.11
CA HIS B 236 -10.17 -13.98 -28.07
C HIS B 236 -9.00 -13.99 -27.06
N SER B 237 -8.45 -12.83 -26.73
CA SER B 237 -7.35 -12.79 -25.78
C SER B 237 -7.86 -12.30 -24.42
N VAL B 238 -7.45 -13.00 -23.37
CA VAL B 238 -7.86 -12.66 -22.01
C VAL B 238 -6.65 -12.33 -21.14
N PHE B 239 -6.45 -11.04 -20.85
CA PHE B 239 -5.34 -10.61 -20.01
C PHE B 239 -5.87 -10.38 -18.60
N SER B 240 -5.32 -11.10 -17.63
CA SER B 240 -5.80 -10.95 -16.28
C SER B 240 -4.75 -10.54 -15.25
N VAL B 241 -5.06 -9.48 -14.51
CA VAL B 241 -4.18 -9.01 -13.46
C VAL B 241 -4.92 -9.24 -12.15
N THR B 242 -4.21 -9.83 -11.20
CA THR B 242 -4.79 -10.10 -9.88
C THR B 242 -3.93 -9.37 -8.86
N ILE B 243 -4.57 -8.58 -8.00
CA ILE B 243 -3.83 -7.81 -7.00
C ILE B 243 -4.24 -8.15 -5.57
N HIS B 244 -3.26 -8.62 -4.79
CA HIS B 244 -3.48 -8.94 -3.38
C HIS B 244 -3.00 -7.74 -2.59
N MET B 245 -3.87 -7.20 -1.76
CA MET B 245 -3.52 -6.03 -0.97
C MET B 245 -3.73 -6.30 0.52
N LYS B 246 -2.71 -5.98 1.30
CA LYS B 246 -2.78 -6.17 2.75
C LYS B 246 -2.29 -4.89 3.41
N GLU B 247 -3.10 -4.37 4.33
CA GLU B 247 -2.74 -3.15 5.04
C GLU B 247 -3.20 -3.21 6.49
N THR B 248 -2.52 -2.47 7.36
CA THR B 248 -2.88 -2.39 8.76
C THR B 248 -3.38 -0.98 8.99
N THR B 249 -4.60 -0.85 9.48
CA THR B 249 -5.18 0.47 9.72
C THR B 249 -4.71 1.08 11.03
N ILE B 250 -5.04 2.34 11.23
CA ILE B 250 -4.65 3.04 12.45
C ILE B 250 -5.28 2.39 13.66
N ASP B 251 -6.17 1.42 13.42
CA ASP B 251 -6.85 0.70 14.50
C ASP B 251 -6.13 -0.59 14.84
N GLY B 252 -5.06 -0.87 14.10
CA GLY B 252 -4.29 -2.09 14.36
C GLY B 252 -4.83 -3.28 13.58
N GLU B 253 -5.94 -3.08 12.89
CA GLU B 253 -6.55 -4.16 12.11
C GLU B 253 -5.86 -4.38 10.77
N GLU B 254 -5.68 -5.65 10.42
CA GLU B 254 -5.07 -6.02 9.15
C GLU B 254 -6.18 -6.37 8.17
N LEU B 255 -6.23 -5.66 7.05
CA LEU B 255 -7.25 -5.91 6.05
C LEU B 255 -6.61 -6.53 4.80
N VAL B 256 -7.26 -7.55 4.26
CA VAL B 256 -6.76 -8.23 3.08
C VAL B 256 -7.83 -8.33 2.00
N LYS B 257 -7.69 -7.51 0.97
CA LYS B 257 -8.63 -7.53 -0.13
C LYS B 257 -7.93 -7.94 -1.41
N ILE B 258 -8.67 -8.57 -2.30
CA ILE B 258 -8.12 -9.03 -3.57
C ILE B 258 -8.93 -8.43 -4.71
N GLY B 259 -8.24 -7.74 -5.61
CA GLY B 259 -8.90 -7.15 -6.75
C GLY B 259 -8.45 -7.88 -7.99
N LYS B 260 -9.31 -7.92 -9.01
CA LYS B 260 -8.95 -8.57 -10.25
C LYS B 260 -9.56 -7.85 -11.44
N LEU B 261 -8.76 -7.70 -12.48
CA LEU B 261 -9.19 -7.01 -13.69
C LEU B 261 -8.93 -7.85 -14.93
N ASN B 262 -9.99 -8.11 -15.68
CA ASN B 262 -9.87 -8.88 -16.90
C ASN B 262 -10.00 -7.90 -18.06
N LEU B 263 -8.96 -7.80 -18.88
CA LEU B 263 -8.97 -6.94 -20.04
C LEU B 263 -9.04 -7.88 -21.23
N VAL B 264 -10.22 -7.93 -21.85
CA VAL B 264 -10.49 -8.85 -22.94
C VAL B 264 -10.61 -8.23 -24.32
N ASP B 265 -9.80 -8.75 -25.24
CA ASP B 265 -9.80 -8.30 -26.63
C ASP B 265 -10.36 -9.45 -27.44
N LEU B 266 -11.66 -9.39 -27.72
CA LEU B 266 -12.33 -10.44 -28.48
C LEU B 266 -11.99 -10.41 -29.96
N ALA B 267 -12.24 -11.54 -30.63
CA ALA B 267 -12.05 -11.61 -32.07
C ALA B 267 -13.33 -10.96 -32.55
N GLY B 268 -13.49 -10.74 -33.84
CA GLY B 268 -14.71 -10.08 -34.31
C GLY B 268 -15.50 -10.78 -35.39
N SER B 269 -16.78 -10.45 -35.49
CA SER B 269 -17.64 -11.04 -36.51
C SER B 269 -16.98 -10.80 -37.85
N GLU B 270 -17.02 -11.82 -38.69
CA GLU B 270 -16.40 -11.74 -39.99
C GLU B 270 -17.20 -12.48 -41.06
N ASN B 271 -17.38 -11.80 -42.18
CA ASN B 271 -18.08 -12.36 -43.33
C ASN B 271 -16.94 -12.93 -44.20
N ILE B 272 -16.87 -14.25 -44.36
CA ILE B 272 -15.77 -14.83 -45.13
C ILE B 272 -15.76 -14.47 -46.61
N GLY B 273 -16.94 -14.34 -47.21
CA GLY B 273 -16.97 -13.96 -48.61
C GLY B 273 -16.22 -12.64 -48.76
N ARG B 274 -16.36 -11.79 -47.76
CA ARG B 274 -15.72 -10.48 -47.75
C ARG B 274 -14.29 -10.48 -47.18
N SER B 275 -13.95 -11.43 -46.33
CA SER B 275 -12.60 -11.47 -45.78
C SER B 275 -11.68 -12.35 -46.62
N GLY B 276 -12.27 -13.27 -47.38
CA GLY B 276 -11.50 -14.17 -48.23
C GLY B 276 -10.95 -15.35 -47.46
N ALA B 277 -11.40 -15.51 -46.23
CA ALA B 277 -10.92 -16.59 -45.38
C ALA B 277 -11.27 -17.97 -45.93
N VAL B 278 -10.27 -18.84 -45.97
CA VAL B 278 -10.43 -20.21 -46.44
C VAL B 278 -9.55 -21.11 -45.58
N ASP B 279 -9.85 -22.41 -45.61
CA ASP B 279 -9.08 -23.38 -44.85
C ASP B 279 -8.86 -22.96 -43.41
N LYS B 280 -7.60 -22.71 -43.05
CA LYS B 280 -7.23 -22.32 -41.70
C LYS B 280 -8.03 -21.11 -41.21
N ARG B 281 -7.96 -20.02 -41.97
CA ARG B 281 -8.65 -18.78 -41.65
C ARG B 281 -10.17 -18.91 -41.57
N ALA B 282 -10.74 -19.69 -42.47
CA ALA B 282 -12.19 -19.89 -42.49
C ALA B 282 -12.63 -20.68 -41.27
N ARG B 283 -11.79 -21.60 -40.84
CA ARG B 283 -12.09 -22.43 -39.68
C ARG B 283 -12.12 -21.52 -38.46
N GLU B 284 -11.16 -20.59 -38.40
CA GLU B 284 -11.09 -19.65 -37.29
C GLU B 284 -12.34 -18.77 -37.31
N ALA B 285 -12.67 -18.25 -38.48
CA ALA B 285 -13.84 -17.38 -38.61
C ALA B 285 -15.10 -18.10 -38.16
N GLY B 286 -15.18 -19.39 -38.47
CA GLY B 286 -16.34 -20.16 -38.09
C GLY B 286 -16.48 -20.16 -36.57
N ASN B 287 -15.39 -20.49 -35.88
CA ASN B 287 -15.40 -20.52 -34.43
C ASN B 287 -15.62 -19.13 -33.85
N ILE B 288 -14.94 -18.15 -34.42
CA ILE B 288 -15.10 -16.78 -33.96
C ILE B 288 -16.58 -16.37 -34.05
N ASN B 289 -17.19 -16.52 -35.22
CA ASN B 289 -18.60 -16.15 -35.39
C ASN B 289 -19.54 -16.95 -34.50
N GLN B 290 -19.26 -18.24 -34.34
CA GLN B 290 -20.09 -19.11 -33.51
C GLN B 290 -20.01 -18.68 -32.03
N SER B 291 -18.79 -18.51 -31.53
CA SER B 291 -18.61 -18.12 -30.14
C SER B 291 -19.21 -16.74 -29.90
N LEU B 292 -19.12 -15.87 -30.89
CA LEU B 292 -19.70 -14.53 -30.75
C LEU B 292 -21.21 -14.65 -30.82
N LEU B 293 -21.68 -15.67 -31.53
CA LEU B 293 -23.13 -15.87 -31.65
C LEU B 293 -23.64 -16.28 -30.27
N THR B 294 -22.94 -17.22 -29.66
CA THR B 294 -23.29 -17.69 -28.34
C THR B 294 -23.30 -16.53 -27.35
N LEU B 295 -22.25 -15.70 -27.41
CA LEU B 295 -22.17 -14.54 -26.52
C LEU B 295 -23.48 -13.75 -26.66
N GLY B 296 -23.93 -13.60 -27.90
CA GLY B 296 -25.16 -12.87 -28.18
C GLY B 296 -26.38 -13.54 -27.58
N ARG B 297 -26.41 -14.87 -27.63
CA ARG B 297 -27.54 -15.63 -27.08
C ARG B 297 -27.57 -15.41 -25.56
N VAL B 298 -26.41 -15.44 -24.93
CA VAL B 298 -26.29 -15.24 -23.50
C VAL B 298 -26.81 -13.85 -23.13
N ILE B 299 -26.26 -12.81 -23.74
CA ILE B 299 -26.70 -11.45 -23.45
C ILE B 299 -28.21 -11.36 -23.55
N THR B 300 -28.76 -11.77 -24.68
CA THR B 300 -30.20 -11.73 -24.90
C THR B 300 -30.95 -12.56 -23.86
N ALA B 301 -30.43 -13.73 -23.54
CA ALA B 301 -31.07 -14.61 -22.57
C ALA B 301 -31.17 -13.91 -21.22
N LEU B 302 -30.14 -13.15 -20.88
CA LEU B 302 -30.12 -12.43 -19.62
C LEU B 302 -31.12 -11.28 -19.54
N VAL B 303 -31.25 -10.50 -20.60
CA VAL B 303 -32.20 -9.39 -20.57
C VAL B 303 -33.64 -9.84 -20.83
N GLU B 304 -33.80 -10.88 -21.65
CA GLU B 304 -35.12 -11.40 -21.95
C GLU B 304 -35.61 -12.29 -20.82
N ARG B 305 -34.73 -12.56 -19.86
CA ARG B 305 -35.06 -13.38 -18.70
C ARG B 305 -35.39 -14.84 -19.05
N THR B 306 -34.86 -15.35 -20.16
CA THR B 306 -35.10 -16.74 -20.53
C THR B 306 -34.45 -17.63 -19.46
N PRO B 307 -35.12 -18.73 -19.09
CA PRO B 307 -34.65 -19.70 -18.09
C PRO B 307 -33.18 -20.12 -18.07
N HIS B 308 -32.77 -20.93 -19.04
CA HIS B 308 -31.41 -21.44 -19.06
C HIS B 308 -30.44 -20.68 -19.96
N VAL B 309 -29.66 -19.79 -19.36
CA VAL B 309 -28.66 -19.00 -20.10
C VAL B 309 -27.58 -19.94 -20.63
N PRO B 310 -27.43 -20.01 -21.96
CA PRO B 310 -26.44 -20.86 -22.63
C PRO B 310 -24.97 -20.52 -22.37
N TYR B 311 -24.64 -20.19 -21.12
CA TYR B 311 -23.27 -19.86 -20.76
C TYR B 311 -22.22 -20.88 -21.23
N ARG B 312 -22.52 -22.17 -21.05
CA ARG B 312 -21.57 -23.23 -21.39
C ARG B 312 -21.32 -23.57 -22.87
N GLU B 313 -22.13 -23.03 -23.78
CA GLU B 313 -21.94 -23.37 -25.19
C GLU B 313 -20.66 -22.88 -25.84
N SER B 314 -19.87 -22.11 -25.10
CA SER B 314 -18.60 -21.61 -25.61
C SER B 314 -17.62 -21.32 -24.48
N LYS B 315 -16.33 -21.52 -24.75
CA LYS B 315 -15.31 -21.26 -23.74
C LYS B 315 -15.38 -19.79 -23.40
N LEU B 316 -15.67 -18.96 -24.40
CA LEU B 316 -15.77 -17.53 -24.18
C LEU B 316 -16.84 -17.17 -23.17
N THR B 317 -18.05 -17.71 -23.34
CA THR B 317 -19.13 -17.40 -22.42
C THR B 317 -18.92 -17.99 -21.02
N ARG B 318 -18.06 -19.00 -20.90
CA ARG B 318 -17.79 -19.57 -19.59
C ARG B 318 -16.86 -18.67 -18.81
N ILE B 319 -15.85 -18.14 -19.49
CA ILE B 319 -14.89 -17.24 -18.87
C ILE B 319 -15.58 -15.94 -18.51
N LEU B 320 -16.54 -15.53 -19.33
CA LEU B 320 -17.26 -14.28 -19.10
C LEU B 320 -18.51 -14.39 -18.24
N GLN B 321 -18.95 -15.62 -17.96
CA GLN B 321 -20.16 -15.83 -17.17
C GLN B 321 -20.26 -14.93 -15.93
N ASP B 322 -19.21 -14.90 -15.12
CA ASP B 322 -19.23 -14.07 -13.91
C ASP B 322 -19.27 -12.59 -14.30
N SER B 323 -18.72 -12.28 -15.47
CA SER B 323 -18.69 -10.91 -15.98
C SER B 323 -20.02 -10.47 -16.56
N LEU B 324 -20.88 -11.43 -16.86
CA LEU B 324 -22.19 -11.13 -17.43
C LEU B 324 -23.32 -11.56 -16.51
N GLY B 325 -23.67 -10.67 -15.57
CA GLY B 325 -24.74 -10.96 -14.63
C GLY B 325 -24.26 -11.67 -13.39
N GLY B 326 -22.96 -11.54 -13.11
CA GLY B 326 -22.39 -12.17 -11.93
C GLY B 326 -21.86 -11.17 -10.94
N ARG B 327 -20.96 -11.61 -10.08
CA ARG B 327 -20.38 -10.73 -9.07
C ARG B 327 -19.15 -10.02 -9.65
N THR B 328 -19.34 -9.31 -10.76
CA THR B 328 -18.25 -8.62 -11.42
C THR B 328 -18.66 -7.30 -12.08
N ARG B 329 -17.91 -6.24 -11.82
CA ARG B 329 -18.19 -4.95 -12.45
C ARG B 329 -17.69 -5.10 -13.88
N THR B 330 -18.59 -5.00 -14.85
CA THR B 330 -18.21 -5.17 -16.24
C THR B 330 -18.56 -4.02 -17.17
N SER B 331 -17.58 -3.63 -17.98
CA SER B 331 -17.76 -2.57 -18.96
C SER B 331 -17.47 -3.11 -20.35
N ILE B 332 -18.32 -2.75 -21.31
CA ILE B 332 -18.17 -3.19 -22.68
C ILE B 332 -17.87 -2.04 -23.63
N ILE B 333 -16.82 -2.21 -24.44
CA ILE B 333 -16.48 -1.20 -25.42
C ILE B 333 -16.86 -1.81 -26.77
N ALA B 334 -17.91 -1.25 -27.40
CA ALA B 334 -18.35 -1.75 -28.69
C ALA B 334 -17.69 -0.89 -29.75
N THR B 335 -16.93 -1.54 -30.63
CA THR B 335 -16.21 -0.85 -31.68
C THR B 335 -16.91 -0.95 -33.04
N ILE B 336 -17.10 0.19 -33.70
CA ILE B 336 -17.76 0.18 -35.00
C ILE B 336 -17.00 1.03 -35.99
N SER B 337 -17.36 0.84 -37.26
CA SER B 337 -16.77 1.58 -38.37
C SER B 337 -17.82 2.61 -38.78
N PRO B 338 -17.40 3.74 -39.37
CA PRO B 338 -18.41 4.72 -39.77
C PRO B 338 -18.92 4.58 -41.20
N ALA B 339 -18.24 3.74 -41.99
CA ALA B 339 -18.58 3.54 -43.40
C ALA B 339 -19.88 2.80 -43.74
N SER B 340 -20.50 3.21 -44.84
CA SER B 340 -21.75 2.63 -45.31
C SER B 340 -21.64 1.16 -45.67
N LEU B 341 -20.42 0.72 -45.98
CA LEU B 341 -20.17 -0.67 -46.36
C LEU B 341 -20.45 -1.67 -45.25
N ASN B 342 -20.47 -1.21 -44.00
CA ASN B 342 -20.68 -2.11 -42.86
C ASN B 342 -21.99 -1.91 -42.12
N LEU B 343 -23.00 -1.43 -42.84
CA LEU B 343 -24.30 -1.18 -42.24
C LEU B 343 -24.81 -2.31 -41.36
N GLU B 344 -24.89 -3.51 -41.92
CA GLU B 344 -25.41 -4.65 -41.17
C GLU B 344 -24.56 -5.07 -39.97
N GLU B 345 -23.25 -5.15 -40.18
CA GLU B 345 -22.38 -5.56 -39.08
C GLU B 345 -22.34 -4.48 -37.99
N THR B 346 -22.46 -3.21 -38.36
CA THR B 346 -22.45 -2.13 -37.39
C THR B 346 -23.73 -2.23 -36.57
N LEU B 347 -24.86 -2.39 -37.25
CA LEU B 347 -26.15 -2.51 -36.57
C LEU B 347 -26.16 -3.67 -35.57
N SER B 348 -25.62 -4.81 -36.00
CA SER B 348 -25.54 -6.01 -35.17
C SER B 348 -24.79 -5.69 -33.88
N THR B 349 -23.62 -5.08 -34.03
CA THR B 349 -22.80 -4.69 -32.89
C THR B 349 -23.51 -3.76 -31.91
N LEU B 350 -24.19 -2.74 -32.44
CA LEU B 350 -24.89 -1.79 -31.58
C LEU B 350 -26.11 -2.42 -30.94
N GLU B 351 -26.76 -3.31 -31.67
CA GLU B 351 -27.95 -3.98 -31.17
C GLU B 351 -27.64 -4.83 -29.96
N TYR B 352 -26.63 -5.68 -30.04
CA TYR B 352 -26.29 -6.54 -28.92
C TYR B 352 -25.66 -5.78 -27.77
N ALA B 353 -24.85 -4.78 -28.09
CA ALA B 353 -24.20 -3.98 -27.08
C ALA B 353 -25.30 -3.27 -26.29
N HIS B 354 -26.33 -2.81 -27.00
CA HIS B 354 -27.42 -2.10 -26.37
C HIS B 354 -28.23 -2.99 -25.44
N ARG B 355 -28.39 -4.25 -25.79
CA ARG B 355 -29.13 -5.18 -24.94
C ARG B 355 -28.33 -5.45 -23.68
N ALA B 356 -27.02 -5.60 -23.85
CA ALA B 356 -26.13 -5.86 -22.73
C ALA B 356 -26.23 -4.75 -21.69
N LYS B 357 -26.69 -3.58 -22.13
CA LYS B 357 -26.81 -2.44 -21.24
C LYS B 357 -27.83 -2.73 -20.15
N ASN B 358 -28.68 -3.71 -20.39
CA ASN B 358 -29.73 -4.08 -19.43
C ASN B 358 -29.40 -5.27 -18.54
N ILE B 359 -28.14 -5.70 -18.55
CA ILE B 359 -27.73 -6.81 -17.71
C ILE B 359 -27.31 -6.30 -16.35
N LEU B 360 -27.90 -6.87 -15.31
CA LEU B 360 -27.62 -6.46 -13.94
C LEU B 360 -26.53 -7.32 -13.30
N ASN B 361 -25.52 -6.64 -12.75
CA ASN B 361 -24.42 -7.30 -12.08
C ASN B 361 -24.37 -6.91 -10.60
N LYS B 362 -23.63 -7.67 -9.80
CA LYS B 362 -23.54 -7.41 -8.37
C LYS B 362 -22.10 -7.46 -7.87
N PRO B 363 -21.39 -6.32 -7.94
CA PRO B 363 -19.99 -6.22 -7.49
C PRO B 363 -19.75 -6.79 -6.09
N GLU B 364 -18.59 -7.43 -5.90
CA GLU B 364 -18.21 -8.03 -4.62
C GLU B 364 -16.89 -7.47 -4.11
N VAL B 365 -16.43 -8.01 -2.99
CA VAL B 365 -15.17 -7.58 -2.38
C VAL B 365 -14.53 -8.76 -1.66
N ASN B 366 -13.27 -8.62 -1.25
CA ASN B 366 -12.57 -9.71 -0.57
C ASN B 366 -12.13 -9.34 0.86
#